data_9EMH
#
_entry.id   9EMH
#
_cell.length_a   111.481
_cell.length_b   151.624
_cell.length_c   67.584
_cell.angle_alpha   90.000
_cell.angle_beta   90.000
_cell.angle_gamma   90.000
#
_symmetry.space_group_name_H-M   'P 21 21 2'
#
loop_
_entity.id
_entity.type
_entity.pdbx_description
1 polymer 'DNA polymerase'
2 polymer "DNA (5'-D(*GP*AP*CP*CP*AP*CP*GP*GP*CP*CP*AP*CP*A)-3')"
3 polymer "DNA (5'-D(*AP*AP*CP*(6HT)P*(6HG)P*TP*GP*GP*CP*CP*GP*TP*GP*GP*TP*C)-3')"
4 non-polymer IMIDAZOLE
5 non-polymer 'MAGNESIUM ION'
6 non-polymer GLYCEROL
7 water water
#
loop_
_entity_poly.entity_id
_entity_poly.type
_entity_poly.pdbx_seq_one_letter_code
_entity_poly.pdbx_strand_id
1 'polypeptide(L)'
;MILDTDYITEDGKPVIRIFKKENGEFKIEYDRTFEPYFYALLKDDSAIEEVKKITAERHGTVVTVKRVEKVQKKFLGRPV
EVWKLYFTHPQDQPAIRDKIREHPAVIDIYEYDTPFAKRYLIDKGLVPMEGDEELKMLAFAIATLYHEGEEFAEGPILMI
SYADEEGARVITWKNVDLPYVDVVSTEREMIKRFLRVVKEKDPDVLITYNGDNFDFAYLKKRCEKLGINFALGRDGSEPK
IQRMGDRFAVEVKGRIHFDLYPVIRRTINLPTYTLEAVYEAVFGQPKEKVYAEEITTAWETGENLERVARYSMEDAKVTY
ELGKEFLPMEAQLSRLIGQSLWDVSRSSTGNLVEWFLLRKAYERNELAPNKPDEKELARRRQKYEGGYVKEPERGLWENI
VYLDFRSLYPSIIITHNVSPDTLNREGCGEYDVAPQVGHRFCKDLPGFIPSLLGDLLEERQKIKKKMKATIDPIERKLLD
YRQRLIKILANSVYGHMGFENARWYCKECAESVTAWGREYLTMTIKEIEEKYGFKVIYSDTDGFFATIPGADAETVKKKA
MEFLKYINAKLPGALELEYEGFYKRGFFVTKKKYAVIDEEGKITTRGLEIVRRDWSEIAKETQARVLEALLKDGDVEKAV
RIVKEVTEKLSKYEVPPEKLVIHKQITRDLKDYKATGPHVAVAKRLAARGVKIRPGTVISYIVLKGSGRIGDRAIPFDEF
DPTKHRYDAEYYIEKQVLPAVERILRAFGYRKEDLRYQKTRQVGLSAWLKPKGT
;
A
2 'polydeoxyribonucleotide' (DG)(DA)(DC)(DC)(DA)(DC)(DG)(DG)(DC)(DC)(DA)(DC)(DA) P
3 'polydeoxyribonucleotide' (DA)(DA)(DC)(6HT)(6HG)(DT)(DG)(DG)(DC)(DC)(DG)(DT)(DG)(DG)(DT)(DC) T
#
# COMPACT_ATOMS: atom_id res chain seq x y z
N MET A 1 -22.59 -0.29 -13.26
CA MET A 1 -21.44 -0.18 -12.36
C MET A 1 -21.18 1.26 -11.97
N ILE A 2 -21.08 1.51 -10.66
CA ILE A 2 -20.83 2.86 -10.16
C ILE A 2 -19.33 3.15 -10.24
N LEU A 3 -18.98 4.26 -10.89
CA LEU A 3 -17.59 4.65 -10.99
C LEU A 3 -17.17 5.58 -9.86
N ASP A 4 -17.97 6.59 -9.58
CA ASP A 4 -17.67 7.57 -8.53
C ASP A 4 -18.92 8.40 -8.29
N THR A 5 -18.84 9.27 -7.28
CA THR A 5 -19.91 10.20 -6.96
C THR A 5 -19.30 11.54 -6.55
N ASP A 6 -20.02 12.61 -6.87
CA ASP A 6 -19.71 13.94 -6.36
C ASP A 6 -21.02 14.69 -6.20
N TYR A 7 -20.93 16.01 -6.04
CA TYR A 7 -22.14 16.81 -5.91
C TYR A 7 -21.92 18.18 -6.51
N ILE A 8 -22.92 18.66 -7.22
CA ILE A 8 -22.95 20.03 -7.72
C ILE A 8 -23.97 20.81 -6.89
N THR A 9 -23.97 22.13 -7.08
CA THR A 9 -24.85 23.02 -6.34
C THR A 9 -25.80 23.71 -7.31
N GLU A 10 -27.09 23.48 -7.14
CA GLU A 10 -28.12 24.07 -7.99
C GLU A 10 -29.04 24.90 -7.11
N ASP A 11 -29.02 26.22 -7.32
CA ASP A 11 -29.83 27.16 -6.52
C ASP A 11 -29.53 27.03 -5.03
N GLY A 12 -28.27 26.75 -4.70
CA GLY A 12 -27.84 26.61 -3.33
C GLY A 12 -28.09 25.25 -2.71
N LYS A 13 -28.85 24.36 -3.37
CA LYS A 13 -29.12 23.05 -2.83
C LYS A 13 -28.22 22.00 -3.47
N PRO A 14 -27.82 20.99 -2.70
CA PRO A 14 -26.87 20.00 -3.24
C PRO A 14 -27.57 18.99 -4.13
N VAL A 15 -26.89 18.60 -5.21
CA VAL A 15 -27.38 17.62 -6.16
C VAL A 15 -26.31 16.56 -6.32
N ILE A 16 -26.57 15.36 -5.81
CA ILE A 16 -25.62 14.26 -5.92
C ILE A 16 -25.58 13.76 -7.35
N ARG A 17 -24.38 13.59 -7.89
CA ARG A 17 -24.18 12.99 -9.19
C ARG A 17 -23.54 11.62 -9.02
N ILE A 18 -24.09 10.62 -9.69
CA ILE A 18 -23.62 9.24 -9.61
C ILE A 18 -23.18 8.83 -11.00
N PHE A 19 -21.85 8.76 -11.21
CA PHE A 19 -21.29 8.41 -12.50
C PHE A 19 -21.31 6.89 -12.64
N LYS A 20 -22.13 6.37 -13.55
CA LYS A 20 -22.34 4.95 -13.70
C LYS A 20 -21.98 4.51 -15.12
N LYS A 21 -21.84 3.18 -15.28
CA LYS A 21 -21.56 2.55 -16.56
C LYS A 21 -22.49 1.35 -16.69
N GLU A 22 -23.51 1.46 -17.53
CA GLU A 22 -24.50 0.40 -17.69
C GLU A 22 -24.76 0.17 -19.18
N ASN A 23 -24.80 -1.10 -19.57
CA ASN A 23 -25.12 -1.50 -20.94
C ASN A 23 -24.15 -0.87 -21.95
N GLY A 24 -22.87 -0.80 -21.56
CA GLY A 24 -21.87 -0.20 -22.41
C GLY A 24 -22.05 1.27 -22.69
N GLU A 25 -22.76 1.98 -21.81
CA GLU A 25 -23.04 3.40 -21.99
C GLU A 25 -22.78 4.14 -20.69
N PHE A 26 -22.18 5.31 -20.79
CA PHE A 26 -21.92 6.15 -19.62
C PHE A 26 -23.17 6.93 -19.25
N LYS A 27 -23.66 6.73 -18.03
CA LYS A 27 -24.84 7.42 -17.54
C LYS A 27 -24.51 8.21 -16.28
N ILE A 28 -25.36 9.19 -15.98
CA ILE A 28 -25.21 10.04 -14.81
C ILE A 28 -26.56 10.12 -14.11
N GLU A 29 -26.56 9.82 -12.82
CA GLU A 29 -27.77 9.84 -12.01
C GLU A 29 -27.73 11.05 -11.08
N TYR A 30 -28.86 11.74 -10.97
CA TYR A 30 -28.98 12.93 -10.14
C TYR A 30 -29.91 12.66 -8.97
N ASP A 31 -29.55 13.18 -7.79
CA ASP A 31 -30.35 13.00 -6.59
C ASP A 31 -30.37 14.32 -5.83
N ARG A 32 -31.55 14.92 -5.71
CA ARG A 32 -31.72 16.21 -5.04
C ARG A 32 -32.39 16.06 -3.68
N THR A 33 -32.39 14.86 -3.12
CA THR A 33 -33.07 14.59 -1.85
C THR A 33 -32.14 14.37 -0.68
N PHE A 34 -30.88 14.05 -0.92
CA PHE A 34 -29.94 13.78 0.16
C PHE A 34 -29.61 15.07 0.91
N GLU A 35 -29.65 15.02 2.24
CA GLU A 35 -29.43 16.18 3.08
C GLU A 35 -28.20 15.97 3.94
N PRO A 36 -27.30 16.95 4.02
CA PRO A 36 -26.14 16.81 4.90
C PRO A 36 -26.56 16.83 6.37
N TYR A 37 -25.80 16.11 7.20
CA TYR A 37 -26.17 15.97 8.60
C TYR A 37 -24.98 15.51 9.43
N PHE A 38 -25.03 15.84 10.72
CA PHE A 38 -24.18 15.18 11.71
C PHE A 38 -24.95 15.14 13.02
N TYR A 39 -24.44 14.34 13.96
CA TYR A 39 -25.13 14.08 15.22
C TYR A 39 -24.59 14.97 16.33
N ALA A 40 -25.41 15.14 17.37
CA ALA A 40 -25.06 15.92 18.53
C ALA A 40 -25.64 15.26 19.77
N LEU A 41 -24.93 15.41 20.90
CA LEU A 41 -25.34 14.84 22.18
C LEU A 41 -25.47 15.97 23.18
N LEU A 42 -26.64 16.11 23.79
CA LEU A 42 -26.95 17.21 24.68
C LEU A 42 -27.10 16.74 26.12
N LYS A 43 -26.81 17.64 27.06
CA LYS A 43 -27.02 17.33 28.47
C LYS A 43 -28.50 17.14 28.78
N ASP A 44 -29.35 18.02 28.25
CA ASP A 44 -30.79 17.94 28.42
C ASP A 44 -31.46 18.10 27.06
N ASP A 45 -32.44 17.25 26.78
CA ASP A 45 -33.18 17.36 25.53
C ASP A 45 -33.99 18.63 25.43
N SER A 46 -34.20 19.34 26.55
CA SER A 46 -34.90 20.62 26.50
C SER A 46 -34.11 21.65 25.72
N ALA A 47 -32.79 21.52 25.66
CA ALA A 47 -31.94 22.49 24.98
C ALA A 47 -32.02 22.39 23.46
N ILE A 48 -32.86 21.50 22.93
CA ILE A 48 -32.98 21.36 21.48
C ILE A 48 -33.52 22.64 20.85
N GLU A 49 -34.39 23.37 21.56
CA GLU A 49 -34.93 24.60 21.02
C GLU A 49 -33.89 25.72 21.06
N GLU A 50 -32.96 25.67 22.00
CA GLU A 50 -31.84 26.62 22.00
C GLU A 50 -30.83 26.24 20.93
N VAL A 51 -30.53 24.95 20.80
CA VAL A 51 -29.56 24.47 19.83
C VAL A 51 -30.10 24.45 18.41
N LYS A 52 -31.39 24.73 18.24
CA LYS A 52 -31.98 24.84 16.92
C LYS A 52 -31.60 26.15 16.25
N LYS A 53 -31.23 27.17 17.02
CA LYS A 53 -31.17 28.54 16.53
C LYS A 53 -29.76 29.10 16.43
N ILE A 54 -28.72 28.27 16.51
CA ILE A 54 -27.37 28.76 16.30
C ILE A 54 -27.16 29.11 14.84
N THR A 55 -26.51 30.24 14.58
CA THR A 55 -26.22 30.69 13.23
C THR A 55 -24.72 30.98 13.13
N ALA A 56 -24.20 30.80 11.92
CA ALA A 56 -22.82 31.16 11.61
C ALA A 56 -22.78 31.73 10.20
N GLU A 57 -21.62 32.25 9.81
CA GLU A 57 -21.46 32.91 8.53
C GLU A 57 -20.65 32.04 7.57
N ARG A 58 -20.89 32.25 6.28
CA ARG A 58 -20.22 31.52 5.21
C ARG A 58 -20.45 32.22 3.88
N HIS A 59 -19.37 32.73 3.28
CA HIS A 59 -19.46 33.53 2.06
C HIS A 59 -20.38 34.74 2.25
N GLY A 60 -20.36 35.30 3.46
CA GLY A 60 -21.28 36.36 3.79
C GLY A 60 -22.73 35.93 3.93
N THR A 61 -22.99 34.63 3.93
CA THR A 61 -24.35 34.10 4.05
C THR A 61 -24.49 33.40 5.40
N VAL A 62 -25.55 33.76 6.13
CA VAL A 62 -25.79 33.15 7.43
C VAL A 62 -26.22 31.69 7.24
N VAL A 63 -25.56 30.79 7.94
CA VAL A 63 -25.95 29.38 7.90
C VAL A 63 -26.96 29.13 9.02
N THR A 64 -27.97 28.32 8.71
CA THR A 64 -29.03 27.99 9.65
C THR A 64 -29.04 26.48 9.88
N VAL A 65 -29.72 26.08 10.94
CA VAL A 65 -30.00 24.67 11.20
C VAL A 65 -31.36 24.36 10.59
N LYS A 66 -31.36 23.53 9.55
CA LYS A 66 -32.59 23.28 8.80
C LYS A 66 -33.66 22.64 9.67
N ARG A 67 -33.38 21.44 10.19
CA ARG A 67 -34.33 20.75 11.03
C ARG A 67 -33.57 19.77 11.92
N VAL A 68 -34.24 19.33 12.99
CA VAL A 68 -33.67 18.39 13.93
C VAL A 68 -34.56 17.16 14.01
N GLU A 69 -33.95 16.04 14.40
CA GLU A 69 -34.67 14.78 14.50
C GLU A 69 -34.04 13.95 15.61
N LYS A 70 -34.90 13.37 16.45
CA LYS A 70 -34.46 12.51 17.54
C LYS A 70 -34.29 11.09 17.04
N VAL A 71 -33.17 10.46 17.41
CA VAL A 71 -32.87 9.10 16.98
C VAL A 71 -32.19 8.34 18.11
N GLN A 72 -32.40 7.02 18.14
CA GLN A 72 -31.73 6.12 19.08
C GLN A 72 -30.69 5.33 18.32
N LYS A 73 -29.44 5.40 18.77
CA LYS A 73 -28.34 4.68 18.14
C LYS A 73 -27.54 3.95 19.22
N LYS A 74 -26.60 3.12 18.76
CA LYS A 74 -25.80 2.27 19.62
C LYS A 74 -24.39 2.85 19.68
N PHE A 75 -24.01 3.41 20.83
CA PHE A 75 -22.67 3.95 21.02
C PHE A 75 -21.88 2.94 21.85
N LEU A 76 -21.08 2.13 21.17
CA LEU A 76 -20.29 1.07 21.80
C LEU A 76 -21.18 0.10 22.56
N GLY A 77 -22.14 -0.48 21.83
CA GLY A 77 -23.00 -1.50 22.36
C GLY A 77 -24.15 -0.96 23.19
N ARG A 78 -24.01 0.27 23.67
CA ARG A 78 -24.99 0.86 24.55
C ARG A 78 -25.93 1.78 23.79
N PRO A 79 -27.23 1.72 24.06
CA PRO A 79 -28.16 2.63 23.39
C PRO A 79 -28.09 4.02 23.98
N VAL A 80 -28.05 5.02 23.10
CA VAL A 80 -27.95 6.42 23.50
C VAL A 80 -29.01 7.24 22.79
N GLU A 81 -29.28 8.42 23.35
CA GLU A 81 -30.31 9.32 22.85
C GLU A 81 -29.60 10.48 22.15
N VAL A 82 -29.51 10.40 20.83
CA VAL A 82 -28.72 11.34 20.05
C VAL A 82 -29.65 12.14 19.13
N TRP A 83 -29.29 13.41 18.92
CA TRP A 83 -30.07 14.34 18.09
C TRP A 83 -29.40 14.48 16.73
N LYS A 84 -30.21 14.39 15.68
CA LYS A 84 -29.72 14.53 14.31
C LYS A 84 -29.92 15.96 13.85
N LEU A 85 -28.88 16.55 13.27
CA LEU A 85 -28.89 17.94 12.83
C LEU A 85 -28.82 17.98 11.31
N TYR A 86 -29.86 18.53 10.68
CA TYR A 86 -29.91 18.64 9.23
C TYR A 86 -29.53 20.05 8.79
N PHE A 87 -28.91 20.13 7.61
CA PHE A 87 -28.47 21.40 7.04
C PHE A 87 -28.85 21.45 5.58
N THR A 88 -28.79 22.66 5.01
CA THR A 88 -29.17 22.84 3.61
C THR A 88 -28.04 22.44 2.67
N HIS A 89 -26.80 22.76 3.02
CA HIS A 89 -25.66 22.52 2.16
C HIS A 89 -24.54 21.86 2.95
N PRO A 90 -23.74 21.01 2.31
CA PRO A 90 -22.61 20.39 3.04
C PRO A 90 -21.63 21.41 3.62
N GLN A 91 -21.27 22.44 2.85
CA GLN A 91 -20.31 23.42 3.33
C GLN A 91 -20.84 24.26 4.48
N ASP A 92 -22.13 24.15 4.81
CA ASP A 92 -22.65 24.77 6.02
C ASP A 92 -22.15 24.09 7.28
N GLN A 93 -21.76 22.81 7.18
CA GLN A 93 -21.29 22.10 8.38
C GLN A 93 -19.97 22.68 8.91
N PRO A 94 -18.90 22.80 8.11
CA PRO A 94 -17.61 23.24 8.70
C PRO A 94 -17.65 24.64 9.26
N ALA A 95 -18.66 25.45 8.94
CA ALA A 95 -18.75 26.81 9.48
C ALA A 95 -19.48 26.87 10.81
N ILE A 96 -20.42 25.96 11.06
CA ILE A 96 -21.24 26.00 12.26
C ILE A 96 -20.92 24.89 13.25
N ARG A 97 -20.16 23.88 12.85
CA ARG A 97 -19.98 22.70 13.69
C ARG A 97 -19.21 23.03 14.97
N ASP A 98 -18.21 23.90 14.89
CA ASP A 98 -17.44 24.24 16.09
C ASP A 98 -18.27 25.07 17.06
N LYS A 99 -19.18 25.88 16.55
CA LYS A 99 -20.02 26.70 17.43
C LYS A 99 -21.06 25.84 18.14
N ILE A 100 -21.54 24.78 17.48
CA ILE A 100 -22.44 23.84 18.14
C ILE A 100 -21.71 23.11 19.26
N ARG A 101 -20.45 22.73 19.04
CA ARG A 101 -19.69 22.05 20.07
C ARG A 101 -19.41 22.98 21.26
N GLU A 102 -19.17 24.26 20.99
CA GLU A 102 -18.87 25.21 22.06
C GLU A 102 -20.09 25.59 22.87
N HIS A 103 -21.29 25.17 22.45
CA HIS A 103 -22.48 25.46 23.22
C HIS A 103 -22.42 24.70 24.56
N PRO A 104 -22.79 25.35 25.67
CA PRO A 104 -22.66 24.69 26.97
C PRO A 104 -23.53 23.46 27.14
N ALA A 105 -24.69 23.42 26.47
CA ALA A 105 -25.64 22.33 26.65
C ALA A 105 -25.29 21.08 25.85
N VAL A 106 -24.22 21.10 25.06
CA VAL A 106 -23.83 19.93 24.28
C VAL A 106 -22.64 19.27 24.95
N ILE A 107 -22.45 17.99 24.66
CA ILE A 107 -21.32 17.23 25.16
C ILE A 107 -20.31 16.93 24.07
N ASP A 108 -20.79 16.52 22.90
CA ASP A 108 -19.91 16.23 21.77
C ASP A 108 -20.75 16.14 20.51
N ILE A 109 -20.08 16.23 19.36
CA ILE A 109 -20.69 16.05 18.05
C ILE A 109 -20.00 14.88 17.36
N TYR A 110 -20.74 14.18 16.50
CA TYR A 110 -20.25 12.97 15.87
C TYR A 110 -20.57 12.98 14.39
N GLU A 111 -19.66 12.39 13.60
CA GLU A 111 -19.83 12.20 12.16
C GLU A 111 -20.02 13.53 11.44
N TYR A 112 -19.17 14.49 11.78
CA TYR A 112 -19.26 15.84 11.21
C TYR A 112 -18.31 16.08 10.05
N ASP A 113 -17.22 15.31 9.94
CA ASP A 113 -16.19 15.53 8.93
C ASP A 113 -16.31 14.55 7.77
N THR A 114 -17.44 13.89 7.61
CA THR A 114 -17.59 12.92 6.53
C THR A 114 -17.98 13.62 5.24
N PRO A 115 -17.25 13.44 4.15
CA PRO A 115 -17.61 14.11 2.90
C PRO A 115 -18.99 13.72 2.40
N PHE A 116 -19.59 14.62 1.62
CA PHE A 116 -20.98 14.44 1.21
C PHE A 116 -21.14 13.27 0.25
N ALA A 117 -20.30 13.23 -0.80
CA ALA A 117 -20.44 12.18 -1.81
C ALA A 117 -20.13 10.80 -1.22
N LYS A 118 -19.16 10.71 -0.31
CA LYS A 118 -18.87 9.44 0.32
C LYS A 118 -19.97 9.04 1.28
N ARG A 119 -20.52 10.02 2.01
CA ARG A 119 -21.67 9.77 2.88
C ARG A 119 -22.87 9.25 2.10
N TYR A 120 -23.03 9.69 0.85
CA TYR A 120 -24.13 9.20 0.03
C TYR A 120 -23.96 7.72 -0.30
N LEU A 121 -22.73 7.30 -0.62
CA LEU A 121 -22.49 5.89 -0.93
C LEU A 121 -22.79 5.00 0.28
N ILE A 122 -22.46 5.49 1.48
CA ILE A 122 -22.66 4.68 2.68
C ILE A 122 -24.14 4.60 3.04
N ASP A 123 -24.82 5.75 3.06
CA ASP A 123 -26.20 5.75 3.51
C ASP A 123 -27.12 5.09 2.49
N LYS A 124 -26.86 5.27 1.21
CA LYS A 124 -27.67 4.60 0.19
C LYS A 124 -27.26 3.15 -0.02
N GLY A 125 -26.24 2.67 0.69
CA GLY A 125 -25.81 1.29 0.53
C GLY A 125 -25.29 0.96 -0.86
N LEU A 126 -24.69 1.92 -1.55
CA LEU A 126 -24.18 1.70 -2.88
C LEU A 126 -22.71 1.32 -2.83
N VAL A 127 -22.31 0.38 -3.67
CA VAL A 127 -20.96 -0.14 -3.72
C VAL A 127 -20.39 0.11 -5.12
N PRO A 128 -19.27 0.81 -5.24
CA PRO A 128 -18.69 1.04 -6.57
C PRO A 128 -17.99 -0.21 -7.10
N MET A 129 -17.77 -0.18 -8.42
CA MET A 129 -17.01 -1.23 -9.12
C MET A 129 -17.65 -2.61 -8.94
N GLU A 130 -18.97 -2.65 -8.90
CA GLU A 130 -19.73 -3.89 -8.79
C GLU A 130 -20.46 -4.16 -10.09
N GLY A 131 -20.24 -5.35 -10.66
CA GLY A 131 -20.88 -5.71 -11.90
C GLY A 131 -19.95 -6.40 -12.88
N ASP A 132 -20.51 -6.87 -13.99
CA ASP A 132 -19.76 -7.61 -14.99
C ASP A 132 -19.27 -6.72 -16.13
N GLU A 133 -19.61 -5.45 -16.13
CA GLU A 133 -19.23 -4.56 -17.21
C GLU A 133 -17.72 -4.40 -17.30
N GLU A 134 -17.23 -4.27 -18.53
CA GLU A 134 -15.82 -4.02 -18.79
C GLU A 134 -15.59 -2.55 -19.07
N LEU A 135 -14.53 -2.00 -18.49
CA LEU A 135 -14.23 -0.58 -18.59
C LEU A 135 -13.22 -0.34 -19.71
N LYS A 136 -13.48 0.65 -20.54
CA LYS A 136 -12.55 1.05 -21.58
C LYS A 136 -11.47 1.94 -20.98
N MET A 137 -10.21 1.61 -21.25
CA MET A 137 -9.09 2.26 -20.59
C MET A 137 -8.18 2.91 -21.63
N LEU A 138 -7.34 3.83 -21.15
CA LEU A 138 -6.41 4.55 -22.01
C LEU A 138 -5.30 5.14 -21.14
N ALA A 139 -4.07 4.70 -21.39
CA ALA A 139 -2.91 5.28 -20.71
C ALA A 139 -2.32 6.38 -21.56
N PHE A 140 -1.67 7.35 -20.90
CA PHE A 140 -1.00 8.41 -21.63
C PHE A 140 0.23 8.88 -20.87
N ALA A 141 1.20 9.40 -21.62
CA ALA A 141 2.41 10.00 -21.06
C ALA A 141 2.81 11.16 -21.96
N ILE A 142 3.66 12.04 -21.42
CA ILE A 142 4.09 13.23 -22.13
C ILE A 142 5.61 13.30 -22.14
N ALA A 143 6.13 14.15 -23.02
CA ALA A 143 7.55 14.43 -23.11
C ALA A 143 7.75 15.93 -23.23
N THR A 144 8.67 16.49 -22.45
CA THR A 144 8.85 17.93 -22.35
C THR A 144 10.28 18.32 -22.69
N LEU A 145 10.44 19.55 -23.19
CA LEU A 145 11.75 20.13 -23.41
C LEU A 145 12.24 20.74 -22.10
N TYR A 146 13.24 20.12 -21.49
CA TYR A 146 13.70 20.49 -20.15
C TYR A 146 15.05 21.20 -20.23
N HIS A 147 15.13 22.37 -19.59
CA HIS A 147 16.37 23.07 -19.34
C HIS A 147 16.51 23.30 -17.85
N GLU A 148 17.73 23.18 -17.33
CA GLU A 148 17.94 23.42 -15.92
C GLU A 148 17.76 24.90 -15.59
N GLY A 149 17.39 25.16 -14.33
CA GLY A 149 17.27 26.52 -13.84
C GLY A 149 15.97 27.22 -14.19
N GLU A 150 15.22 26.73 -15.18
CA GLU A 150 13.99 27.39 -15.56
C GLU A 150 12.85 26.97 -14.63
N GLU A 151 11.72 27.67 -14.76
CA GLU A 151 10.56 27.35 -13.94
C GLU A 151 9.92 26.05 -14.41
N PHE A 152 9.01 25.54 -13.59
CA PHE A 152 8.27 24.34 -13.95
C PHE A 152 7.36 24.62 -15.15
N ALA A 153 7.40 23.72 -16.14
CA ALA A 153 6.63 23.86 -17.38
C ALA A 153 7.00 25.14 -18.14
N GLU A 154 8.26 25.55 -18.05
CA GLU A 154 8.73 26.68 -18.84
C GLU A 154 8.80 26.31 -20.32
N GLY A 155 9.36 25.14 -20.63
CA GLY A 155 9.43 24.66 -21.98
C GLY A 155 8.13 24.00 -22.39
N PRO A 156 7.94 23.85 -23.70
CA PRO A 156 6.69 23.26 -24.20
C PRO A 156 6.70 21.74 -24.10
N ILE A 157 5.51 21.17 -24.20
CA ILE A 157 5.36 19.72 -24.28
C ILE A 157 5.67 19.31 -25.72
N LEU A 158 6.65 18.43 -25.88
CA LEU A 158 7.08 18.05 -27.22
C LEU A 158 6.22 16.92 -27.79
N MET A 159 5.95 15.90 -26.99
CA MET A 159 5.19 14.74 -27.46
C MET A 159 4.20 14.29 -26.40
N ILE A 160 3.02 13.89 -26.84
CA ILE A 160 2.01 13.27 -26.00
C ILE A 160 1.70 11.90 -26.59
N SER A 161 1.93 10.85 -25.79
CA SER A 161 1.72 9.48 -26.24
C SER A 161 0.55 8.86 -25.48
N TYR A 162 -0.21 8.03 -26.18
CA TYR A 162 -1.32 7.30 -25.56
C TYR A 162 -1.33 5.88 -26.07
N ALA A 163 -1.92 4.98 -25.28
CA ALA A 163 -1.96 3.56 -25.63
C ALA A 163 -3.21 2.93 -25.06
N ASP A 164 -3.81 2.01 -25.83
CA ASP A 164 -4.94 1.23 -25.36
C ASP A 164 -4.98 -0.13 -26.07
N GLU A 165 -6.18 -0.67 -26.30
CA GLU A 165 -6.28 -1.94 -26.98
C GLU A 165 -5.84 -1.84 -28.43
N GLU A 166 -5.95 -0.67 -29.04
CA GLU A 166 -5.63 -0.48 -30.45
C GLU A 166 -4.14 -0.27 -30.70
N GLY A 167 -3.34 -0.14 -29.66
CA GLY A 167 -1.92 0.12 -29.78
C GLY A 167 -1.55 1.44 -29.17
N ALA A 168 -0.31 1.85 -29.41
CA ALA A 168 0.22 3.10 -28.89
C ALA A 168 0.52 4.07 -30.03
N ARG A 169 0.28 5.35 -29.78
CA ARG A 169 0.56 6.39 -30.76
C ARG A 169 1.21 7.57 -30.04
N VAL A 170 1.89 8.41 -30.82
CA VAL A 170 2.58 9.59 -30.31
C VAL A 170 2.18 10.78 -31.16
N ILE A 171 1.64 11.81 -30.51
CA ILE A 171 1.31 13.08 -31.16
C ILE A 171 2.44 14.06 -30.91
N THR A 172 3.00 14.61 -31.98
CA THR A 172 4.12 15.54 -31.86
C THR A 172 4.03 16.57 -32.97
N TRP A 173 4.67 17.73 -32.74
CA TRP A 173 4.63 18.83 -33.69
C TRP A 173 5.96 19.01 -34.41
N LYS A 174 6.68 17.90 -34.64
CA LYS A 174 7.83 17.89 -35.53
C LYS A 174 7.80 16.61 -36.35
N ASN A 175 8.32 16.68 -37.56
CA ASN A 175 8.24 15.56 -38.50
C ASN A 175 9.14 14.43 -38.02
N VAL A 176 8.55 13.24 -37.84
CA VAL A 176 9.28 12.03 -37.49
C VAL A 176 8.71 10.88 -38.31
N ASP A 177 9.56 10.21 -39.08
CA ASP A 177 9.13 9.15 -39.97
C ASP A 177 9.00 7.85 -39.18
N LEU A 178 7.84 7.70 -38.53
CA LEU A 178 7.50 6.50 -37.78
C LEU A 178 6.02 6.19 -37.99
N PRO A 179 5.65 4.91 -38.05
CA PRO A 179 4.26 4.57 -38.42
C PRO A 179 3.24 4.93 -37.36
N TYR A 180 3.63 5.00 -36.09
CA TYR A 180 2.71 5.28 -35.00
C TYR A 180 2.73 6.74 -34.58
N VAL A 181 3.40 7.61 -35.34
CA VAL A 181 3.52 9.02 -35.01
C VAL A 181 2.55 9.82 -35.87
N ASP A 182 1.75 10.66 -35.22
CA ASP A 182 0.84 11.58 -35.90
C ASP A 182 1.40 12.99 -35.77
N VAL A 183 1.77 13.59 -36.90
CA VAL A 183 2.47 14.87 -36.91
C VAL A 183 1.47 16.01 -36.96
N VAL A 184 1.84 17.13 -36.35
CA VAL A 184 0.96 18.28 -36.15
C VAL A 184 1.79 19.55 -36.28
N SER A 185 1.12 20.65 -36.65
CA SER A 185 1.82 21.92 -36.86
C SER A 185 2.50 22.41 -35.59
N THR A 186 1.71 22.70 -34.55
CA THR A 186 2.22 23.35 -33.36
C THR A 186 1.92 22.51 -32.11
N GLU A 187 2.46 22.97 -30.98
CA GLU A 187 2.18 22.32 -29.69
C GLU A 187 0.72 22.49 -29.30
N ARG A 188 0.16 23.69 -29.53
CA ARG A 188 -1.25 23.94 -29.20
C ARG A 188 -2.16 22.97 -29.94
N GLU A 189 -1.94 22.80 -31.24
CA GLU A 189 -2.73 21.83 -31.99
C GLU A 189 -2.38 20.40 -31.62
N MET A 190 -1.17 20.16 -31.12
CA MET A 190 -0.82 18.84 -30.59
C MET A 190 -1.65 18.54 -29.34
N ILE A 191 -1.73 19.49 -28.41
CA ILE A 191 -2.58 19.31 -27.25
C ILE A 191 -4.03 19.10 -27.67
N LYS A 192 -4.56 20.03 -28.47
CA LYS A 192 -5.94 19.92 -28.92
C LYS A 192 -6.21 18.60 -29.65
N ARG A 193 -5.18 18.00 -30.25
CA ARG A 193 -5.34 16.67 -30.82
C ARG A 193 -5.63 15.65 -29.72
N PHE A 194 -4.94 15.77 -28.58
CA PHE A 194 -5.09 14.80 -27.51
C PHE A 194 -6.49 14.84 -26.91
N LEU A 195 -7.05 16.05 -26.73
CA LEU A 195 -8.40 16.17 -26.17
C LEU A 195 -9.42 15.50 -27.08
N ARG A 196 -9.34 15.76 -28.39
CA ARG A 196 -10.24 15.14 -29.35
C ARG A 196 -10.12 13.62 -29.33
N VAL A 197 -8.89 13.12 -29.20
CA VAL A 197 -8.68 11.68 -29.16
C VAL A 197 -9.29 11.08 -27.90
N VAL A 198 -9.06 11.72 -26.75
CA VAL A 198 -9.63 11.23 -25.49
C VAL A 198 -11.14 11.31 -25.53
N LYS A 199 -11.69 12.40 -26.08
CA LYS A 199 -13.14 12.54 -26.17
C LYS A 199 -13.75 11.47 -27.06
N GLU A 200 -13.06 11.12 -28.14
CA GLU A 200 -13.60 10.14 -29.08
C GLU A 200 -13.58 8.73 -28.49
N LYS A 201 -12.44 8.34 -27.89
CA LYS A 201 -12.37 7.02 -27.27
C LYS A 201 -13.28 6.92 -26.07
N ASP A 202 -13.53 8.04 -25.39
CA ASP A 202 -14.37 8.08 -24.19
C ASP A 202 -13.98 7.01 -23.17
N PRO A 203 -12.75 7.02 -22.68
CA PRO A 203 -12.33 5.98 -21.74
C PRO A 203 -12.89 6.23 -20.35
N ASP A 204 -13.16 5.12 -19.65
CA ASP A 204 -13.60 5.23 -18.28
C ASP A 204 -12.43 5.45 -17.32
N VAL A 205 -11.24 4.96 -17.69
CA VAL A 205 -10.05 5.04 -16.85
C VAL A 205 -8.92 5.65 -17.66
N LEU A 206 -8.27 6.67 -17.10
CA LEU A 206 -7.07 7.26 -17.66
C LEU A 206 -5.88 6.85 -16.78
N ILE A 207 -4.94 6.12 -17.36
CA ILE A 207 -3.84 5.52 -16.63
C ILE A 207 -2.59 6.35 -16.83
N THR A 208 -1.97 6.77 -15.73
CA THR A 208 -0.71 7.50 -15.78
C THR A 208 0.29 6.86 -14.83
N TYR A 209 1.51 7.37 -14.86
CA TYR A 209 2.55 7.01 -13.90
C TYR A 209 3.09 8.31 -13.31
N ASN A 210 2.77 8.56 -12.05
CA ASN A 210 3.06 9.83 -11.37
C ASN A 210 2.34 11.00 -12.06
N GLY A 211 1.21 10.71 -12.70
CA GLY A 211 0.40 11.76 -13.28
C GLY A 211 -0.26 12.68 -12.28
N ASP A 212 -0.33 12.27 -11.01
CA ASP A 212 -0.86 13.14 -9.97
C ASP A 212 0.03 14.33 -9.69
N ASN A 213 1.32 14.25 -10.01
CA ASN A 213 2.27 15.28 -9.63
C ASN A 213 3.00 15.92 -10.81
N PHE A 214 2.79 15.45 -12.03
CA PHE A 214 3.56 15.99 -13.16
C PHE A 214 2.72 16.20 -14.41
N ASP A 215 2.17 15.12 -14.97
CA ASP A 215 1.55 15.20 -16.29
C ASP A 215 0.40 16.20 -16.30
N PHE A 216 -0.54 16.07 -15.36
CA PHE A 216 -1.65 17.01 -15.32
C PHE A 216 -1.22 18.40 -14.89
N ALA A 217 -0.19 18.50 -14.04
CA ALA A 217 0.32 19.81 -13.64
C ALA A 217 1.04 20.48 -14.80
N TYR A 218 1.77 19.71 -15.60
CA TYR A 218 2.47 20.28 -16.75
C TYR A 218 1.49 20.72 -17.82
N LEU A 219 0.50 19.87 -18.12
CA LEU A 219 -0.52 20.22 -19.11
C LEU A 219 -1.36 21.41 -18.66
N LYS A 220 -1.60 21.53 -17.35
CA LYS A 220 -2.37 22.66 -16.85
C LYS A 220 -1.65 23.98 -17.09
N LYS A 221 -0.34 24.00 -16.87
CA LYS A 221 0.43 25.23 -17.05
C LYS A 221 0.49 25.63 -18.51
N ARG A 222 0.69 24.66 -19.40
CA ARG A 222 0.77 24.96 -20.83
C ARG A 222 -0.57 25.40 -21.38
N CYS A 223 -1.66 24.76 -20.94
CA CYS A 223 -2.99 25.12 -21.44
C CYS A 223 -3.35 26.55 -21.05
N GLU A 224 -2.95 26.99 -19.87
CA GLU A 224 -3.18 28.37 -19.48
C GLU A 224 -2.33 29.34 -20.30
N LYS A 225 -1.15 28.89 -20.73
CA LYS A 225 -0.28 29.75 -21.53
C LYS A 225 -0.81 29.87 -22.96
N LEU A 226 -1.23 28.77 -23.56
CA LEU A 226 -1.69 28.76 -24.93
C LEU A 226 -3.20 29.00 -25.05
N GLY A 227 -3.88 29.27 -23.94
CA GLY A 227 -5.31 29.52 -23.96
C GLY A 227 -6.10 28.33 -24.45
N ILE A 228 -6.01 27.22 -23.73
CA ILE A 228 -6.65 25.97 -24.12
C ILE A 228 -7.60 25.55 -23.01
N ASN A 229 -8.82 25.18 -23.38
CA ASN A 229 -9.80 24.63 -22.44
C ASN A 229 -9.57 23.13 -22.35
N PHE A 230 -8.77 22.72 -21.37
CA PHE A 230 -8.43 21.30 -21.19
C PHE A 230 -9.63 20.52 -20.69
N ALA A 231 -10.68 20.40 -21.51
CA ALA A 231 -11.94 19.78 -21.08
C ALA A 231 -11.85 18.26 -21.26
N LEU A 232 -11.08 17.63 -20.37
CA LEU A 232 -10.97 16.18 -20.36
C LEU A 232 -12.15 15.50 -19.67
N GLY A 233 -12.84 16.18 -18.77
CA GLY A 233 -13.96 15.57 -18.08
C GLY A 233 -15.09 15.22 -19.02
N ARG A 234 -15.88 14.23 -18.62
CA ARG A 234 -17.02 13.81 -19.44
C ARG A 234 -18.14 14.85 -19.44
N ASP A 235 -18.15 15.76 -18.47
CA ASP A 235 -19.12 16.84 -18.41
C ASP A 235 -18.56 18.14 -18.97
N GLY A 236 -17.43 18.09 -19.66
CA GLY A 236 -16.76 19.28 -20.14
C GLY A 236 -15.88 19.98 -19.12
N SER A 237 -15.79 19.45 -17.91
CA SER A 237 -14.98 20.07 -16.88
C SER A 237 -13.49 19.86 -17.17
N GLU A 238 -12.66 20.62 -16.45
CA GLU A 238 -11.21 20.47 -16.52
C GLU A 238 -10.70 19.62 -15.38
N PRO A 239 -9.51 19.04 -15.51
CA PRO A 239 -8.93 18.26 -14.41
C PRO A 239 -8.84 19.07 -13.13
N LYS A 240 -9.31 18.49 -12.04
CA LYS A 240 -9.36 19.14 -10.74
C LYS A 240 -8.20 18.64 -9.87
N ILE A 241 -7.54 19.57 -9.19
CA ILE A 241 -6.40 19.25 -8.34
C ILE A 241 -6.87 19.16 -6.90
N GLN A 242 -6.58 18.04 -6.24
CA GLN A 242 -6.83 17.84 -4.83
C GLN A 242 -5.51 17.71 -4.09
N ARG A 243 -5.50 18.13 -2.83
CA ARG A 243 -4.29 18.04 -2.02
C ARG A 243 -4.22 16.70 -1.31
N MET A 244 -3.07 16.05 -1.40
CA MET A 244 -2.87 14.76 -0.75
C MET A 244 -1.70 14.83 0.22
N GLY A 245 -1.81 15.73 1.21
CA GLY A 245 -0.74 15.92 2.17
C GLY A 245 0.39 16.76 1.61
N ASP A 246 1.58 16.19 1.53
CA ASP A 246 2.71 16.87 0.90
C ASP A 246 2.71 16.77 -0.61
N ARG A 247 1.67 16.16 -1.20
CA ARG A 247 1.57 16.06 -2.65
C ARG A 247 0.19 16.48 -3.13
N PHE A 248 -0.14 16.16 -4.38
CA PHE A 248 -1.44 16.47 -4.96
C PHE A 248 -1.95 15.25 -5.70
N ALA A 249 -3.25 15.25 -5.96
CA ALA A 249 -3.89 14.23 -6.78
C ALA A 249 -4.88 14.90 -7.72
N VAL A 250 -5.01 14.35 -8.92
CA VAL A 250 -5.80 14.95 -9.97
C VAL A 250 -7.05 14.11 -10.20
N GLU A 251 -8.19 14.80 -10.35
CA GLU A 251 -9.45 14.15 -10.65
C GLU A 251 -9.89 14.52 -12.07
N VAL A 252 -10.63 13.62 -12.70
CA VAL A 252 -11.24 13.85 -14.01
C VAL A 252 -12.68 13.38 -13.88
N LYS A 253 -13.60 14.33 -13.76
CA LYS A 253 -15.00 13.99 -13.48
C LYS A 253 -15.58 13.14 -14.60
N GLY A 254 -16.38 12.14 -14.21
CA GLY A 254 -16.90 11.17 -15.13
C GLY A 254 -15.98 10.02 -15.46
N ARG A 255 -14.67 10.18 -15.26
CA ARG A 255 -13.68 9.15 -15.50
C ARG A 255 -12.94 8.85 -14.20
N ILE A 256 -12.00 7.91 -14.27
CA ILE A 256 -11.18 7.50 -13.14
C ILE A 256 -9.73 7.70 -13.53
N HIS A 257 -9.06 8.63 -12.87
CA HIS A 257 -7.63 8.87 -13.07
C HIS A 257 -6.86 7.90 -12.20
N PHE A 258 -6.33 6.84 -12.81
CA PHE A 258 -5.64 5.78 -12.09
C PHE A 258 -4.14 6.00 -12.21
N ASP A 259 -3.56 6.66 -11.21
CA ASP A 259 -2.12 6.84 -11.13
C ASP A 259 -1.49 5.56 -10.60
N LEU A 260 -0.62 4.93 -11.40
CA LEU A 260 -0.04 3.65 -11.03
C LEU A 260 1.03 3.78 -9.94
N TYR A 261 1.63 4.96 -9.79
CA TYR A 261 2.76 5.09 -8.87
C TYR A 261 2.41 4.79 -7.42
N PRO A 262 1.34 5.34 -6.83
CA PRO A 262 1.02 4.96 -5.45
C PRO A 262 0.61 3.51 -5.31
N VAL A 263 -0.04 2.95 -6.34
CA VAL A 263 -0.45 1.55 -6.28
C VAL A 263 0.76 0.63 -6.34
N ILE A 264 1.70 0.90 -7.24
CA ILE A 264 2.84 0.02 -7.43
C ILE A 264 3.82 0.13 -6.28
N ARG A 265 4.02 1.34 -5.75
CA ARG A 265 5.00 1.53 -4.69
C ARG A 265 4.64 0.71 -3.44
N ARG A 266 3.36 0.59 -3.13
CA ARG A 266 2.95 -0.16 -1.94
C ARG A 266 2.77 -1.64 -2.18
N THR A 267 2.57 -2.06 -3.44
CA THR A 267 2.34 -3.46 -3.76
C THR A 267 3.61 -4.18 -4.19
N ILE A 268 4.76 -3.50 -4.20
CA ILE A 268 6.01 -4.10 -4.61
C ILE A 268 7.14 -3.45 -3.83
N ASN A 269 8.26 -4.16 -3.71
CA ASN A 269 9.44 -3.68 -2.99
C ASN A 269 10.63 -3.78 -3.95
N LEU A 270 11.06 -2.63 -4.47
CA LEU A 270 12.16 -2.55 -5.41
C LEU A 270 13.17 -1.52 -4.93
N PRO A 271 14.44 -1.66 -5.36
CA PRO A 271 15.42 -0.61 -5.00
C PRO A 271 15.05 0.76 -5.54
N THR A 272 14.74 0.86 -6.83
CA THR A 272 14.27 2.09 -7.44
C THR A 272 12.90 1.88 -8.07
N TYR A 273 12.12 2.95 -8.14
CA TYR A 273 10.75 2.89 -8.65
C TYR A 273 10.61 3.71 -9.93
N THR A 274 11.64 3.70 -10.77
CA THR A 274 11.50 4.27 -12.11
C THR A 274 10.57 3.41 -12.95
N LEU A 275 9.96 4.03 -13.95
CA LEU A 275 9.05 3.29 -14.82
C LEU A 275 9.76 2.14 -15.52
N GLU A 276 11.05 2.31 -15.83
CA GLU A 276 11.81 1.22 -16.44
C GLU A 276 12.03 0.08 -15.45
N ALA A 277 12.31 0.41 -14.19
CA ALA A 277 12.55 -0.64 -13.19
C ALA A 277 11.26 -1.37 -12.84
N VAL A 278 10.14 -0.65 -12.77
CA VAL A 278 8.87 -1.28 -12.46
C VAL A 278 8.46 -2.24 -13.57
N TYR A 279 8.64 -1.83 -14.83
CA TYR A 279 8.24 -2.68 -15.94
C TYR A 279 9.06 -3.96 -15.98
N GLU A 280 10.39 -3.83 -15.85
CA GLU A 280 11.24 -5.00 -15.93
C GLU A 280 11.03 -5.95 -14.75
N ALA A 281 10.67 -5.41 -13.58
CA ALA A 281 10.42 -6.27 -12.42
C ALA A 281 9.12 -7.02 -12.55
N VAL A 282 8.14 -6.46 -13.26
CA VAL A 282 6.83 -7.09 -13.38
C VAL A 282 6.76 -8.02 -14.59
N PHE A 283 7.37 -7.63 -15.72
CA PHE A 283 7.24 -8.39 -16.95
C PHE A 283 8.55 -9.00 -17.43
N GLY A 284 9.66 -8.74 -16.75
CA GLY A 284 10.92 -9.38 -17.12
C GLY A 284 11.42 -9.01 -18.50
N GLN A 285 11.26 -7.75 -18.89
CA GLN A 285 11.74 -7.28 -20.18
C GLN A 285 12.41 -5.92 -19.99
N PRO A 286 13.58 -5.70 -20.57
CA PRO A 286 14.25 -4.41 -20.42
C PRO A 286 13.53 -3.31 -21.19
N LYS A 287 13.37 -2.16 -20.54
CA LYS A 287 12.83 -0.96 -21.16
C LYS A 287 13.90 0.11 -21.17
N GLU A 288 14.17 0.68 -22.34
CA GLU A 288 15.23 1.66 -22.48
C GLU A 288 14.79 3.03 -21.95
N LYS A 289 15.70 3.69 -21.24
CA LYS A 289 15.46 5.02 -20.69
C LYS A 289 16.22 6.05 -21.51
N VAL A 290 15.55 7.13 -21.87
CA VAL A 290 16.16 8.27 -22.56
C VAL A 290 15.98 9.48 -21.68
N TYR A 291 17.09 10.08 -21.25
CA TYR A 291 17.07 11.14 -20.25
C TYR A 291 16.72 12.49 -20.87
N ALA A 292 16.27 13.41 -20.02
CA ALA A 292 15.83 14.71 -20.50
C ALA A 292 16.97 15.49 -21.17
N GLU A 293 18.22 15.20 -20.79
CA GLU A 293 19.34 15.83 -21.48
C GLU A 293 19.45 15.34 -22.92
N GLU A 294 18.96 14.13 -23.19
CA GLU A 294 18.90 13.63 -24.57
C GLU A 294 17.67 14.13 -25.30
N ILE A 295 16.55 14.31 -24.59
CA ILE A 295 15.33 14.82 -25.22
C ILE A 295 15.56 16.23 -25.74
N THR A 296 16.14 17.10 -24.91
CA THR A 296 16.31 18.49 -25.29
C THR A 296 17.31 18.63 -26.44
N THR A 297 18.44 17.92 -26.36
CA THR A 297 19.45 18.02 -27.41
C THR A 297 18.91 17.51 -28.74
N ALA A 298 18.20 16.38 -28.72
CA ALA A 298 17.66 15.82 -29.96
C ALA A 298 16.59 16.72 -30.56
N TRP A 299 15.88 17.49 -29.74
CA TRP A 299 14.80 18.34 -30.25
C TRP A 299 15.35 19.66 -30.78
N GLU A 300 16.24 20.31 -30.03
CA GLU A 300 16.75 21.61 -30.45
C GLU A 300 17.68 21.49 -31.65
N THR A 301 18.32 20.34 -31.83
CA THR A 301 19.17 20.10 -32.98
C THR A 301 18.48 19.31 -34.09
N GLY A 302 17.32 18.73 -33.81
CA GLY A 302 16.58 17.99 -34.83
C GLY A 302 17.28 16.75 -35.33
N GLU A 303 18.01 16.07 -34.44
CA GLU A 303 18.77 14.88 -34.81
C GLU A 303 18.37 13.72 -33.91
N ASN A 304 18.13 12.56 -34.52
CA ASN A 304 17.77 11.34 -33.81
C ASN A 304 16.51 11.52 -32.98
N LEU A 305 15.45 12.03 -33.64
CA LEU A 305 14.17 12.19 -32.97
C LEU A 305 13.35 10.92 -32.96
N GLU A 306 13.69 9.93 -33.79
CA GLU A 306 13.02 8.65 -33.73
C GLU A 306 13.32 7.90 -32.44
N ARG A 307 14.55 8.05 -31.93
CA ARG A 307 14.91 7.39 -30.68
C ARG A 307 14.11 7.94 -29.51
N VAL A 308 13.80 9.23 -29.53
CA VAL A 308 13.00 9.83 -28.47
C VAL A 308 11.52 9.48 -28.64
N ALA A 309 11.05 9.44 -29.90
CA ALA A 309 9.66 9.05 -30.14
C ALA A 309 9.40 7.61 -29.76
N ARG A 310 10.40 6.73 -29.91
CA ARG A 310 10.25 5.35 -29.48
C ARG A 310 10.16 5.27 -27.95
N TYR A 311 10.90 6.13 -27.25
CA TYR A 311 10.78 6.18 -25.80
C TYR A 311 9.42 6.69 -25.36
N SER A 312 8.90 7.70 -26.06
CA SER A 312 7.57 8.21 -25.75
C SER A 312 6.49 7.16 -26.01
N MET A 313 6.61 6.44 -27.12
CA MET A 313 5.62 5.41 -27.44
C MET A 313 5.66 4.29 -26.40
N GLU A 314 6.87 3.86 -26.00
CA GLU A 314 6.98 2.78 -25.02
C GLU A 314 6.47 3.22 -23.65
N ASP A 315 6.62 4.50 -23.30
CA ASP A 315 6.14 4.98 -22.01
C ASP A 315 4.65 4.73 -21.84
N ALA A 316 3.84 5.16 -22.83
CA ALA A 316 2.40 4.93 -22.75
C ALA A 316 2.06 3.46 -22.92
N LYS A 317 2.85 2.72 -23.71
CA LYS A 317 2.54 1.32 -23.96
C LYS A 317 2.75 0.48 -22.70
N VAL A 318 3.88 0.68 -22.00
CA VAL A 318 4.11 -0.07 -20.77
C VAL A 318 3.18 0.42 -19.66
N THR A 319 2.78 1.70 -19.71
CA THR A 319 1.83 2.20 -18.73
C THR A 319 0.47 1.55 -18.89
N TYR A 320 0.07 1.25 -20.13
CA TYR A 320 -1.20 0.56 -20.35
C TYR A 320 -1.13 -0.89 -19.89
N GLU A 321 0.01 -1.55 -20.12
CA GLU A 321 0.16 -2.93 -19.68
C GLU A 321 0.22 -3.03 -18.16
N LEU A 322 0.92 -2.11 -17.51
CA LEU A 322 0.90 -2.06 -16.05
C LEU A 322 -0.48 -1.72 -15.53
N GLY A 323 -1.26 -0.95 -16.29
CA GLY A 323 -2.60 -0.64 -15.87
C GLY A 323 -3.52 -1.84 -15.87
N LYS A 324 -3.43 -2.68 -16.92
CA LYS A 324 -4.25 -3.88 -16.99
C LYS A 324 -3.87 -4.91 -15.94
N GLU A 325 -2.74 -4.74 -15.26
CA GLU A 325 -2.28 -5.70 -14.27
C GLU A 325 -2.71 -5.33 -12.86
N PHE A 326 -2.65 -4.04 -12.51
CA PHE A 326 -2.87 -3.59 -11.15
C PHE A 326 -4.26 -3.03 -10.91
N LEU A 327 -5.07 -2.86 -11.96
CA LEU A 327 -6.39 -2.27 -11.78
C LEU A 327 -7.44 -3.29 -11.33
N PRO A 328 -7.49 -4.50 -11.90
CA PRO A 328 -8.48 -5.48 -11.40
C PRO A 328 -8.34 -5.76 -9.91
N MET A 329 -7.11 -5.83 -9.40
CA MET A 329 -6.91 -6.01 -7.96
C MET A 329 -7.44 -4.81 -7.19
N GLU A 330 -7.12 -3.60 -7.65
CA GLU A 330 -7.56 -2.40 -6.95
C GLU A 330 -9.05 -2.16 -7.15
N ALA A 331 -9.63 -2.65 -8.23
CA ALA A 331 -11.07 -2.52 -8.44
C ALA A 331 -11.84 -3.39 -7.45
N GLN A 332 -11.33 -4.59 -7.16
CA GLN A 332 -11.99 -5.44 -6.17
C GLN A 332 -11.84 -4.86 -4.77
N LEU A 333 -10.70 -4.23 -4.47
CA LEU A 333 -10.53 -3.57 -3.18
C LEU A 333 -11.53 -2.43 -3.02
N SER A 334 -11.82 -1.71 -4.10
N SER A 334 -11.83 -1.71 -4.09
CA SER A 334 -12.84 -0.66 -4.04
CA SER A 334 -12.83 -0.65 -4.03
C SER A 334 -14.22 -1.24 -3.76
C SER A 334 -14.22 -1.23 -3.78
N ARG A 335 -14.49 -2.43 -4.31
CA ARG A 335 -15.78 -3.07 -4.06
C ARG A 335 -15.90 -3.54 -2.61
N LEU A 336 -14.77 -3.79 -1.95
CA LEU A 336 -14.78 -4.25 -0.57
C LEU A 336 -14.92 -3.08 0.40
N ILE A 337 -14.16 -2.01 0.17
CA ILE A 337 -14.23 -0.84 1.05
C ILE A 337 -15.53 -0.09 0.85
N GLY A 338 -16.07 -0.11 -0.36
CA GLY A 338 -17.28 0.65 -0.67
C GLY A 338 -17.03 2.08 -1.07
N GLN A 339 -15.84 2.40 -1.58
CA GLN A 339 -15.50 3.75 -2.01
C GLN A 339 -14.93 3.68 -3.43
N SER A 340 -14.78 4.86 -4.03
CA SER A 340 -14.34 4.94 -5.42
C SER A 340 -12.91 4.44 -5.59
N LEU A 341 -12.63 3.92 -6.79
CA LEU A 341 -11.28 3.46 -7.09
C LEU A 341 -10.26 4.61 -7.00
N TRP A 342 -10.70 5.84 -7.27
CA TRP A 342 -9.80 6.98 -7.17
C TRP A 342 -9.32 7.18 -5.74
N ASP A 343 -10.24 7.12 -4.78
CA ASP A 343 -9.87 7.30 -3.38
C ASP A 343 -9.12 6.09 -2.84
N VAL A 344 -9.57 4.88 -3.20
CA VAL A 344 -8.99 3.67 -2.63
C VAL A 344 -7.53 3.50 -3.08
N SER A 345 -7.26 3.77 -4.35
CA SER A 345 -5.92 3.56 -4.88
C SER A 345 -4.89 4.53 -4.32
N ARG A 346 -5.31 5.55 -3.59
CA ARG A 346 -4.40 6.57 -3.05
C ARG A 346 -4.50 6.72 -1.54
N SER A 347 -5.10 5.74 -0.86
CA SER A 347 -5.37 5.84 0.57
C SER A 347 -4.53 4.85 1.36
N SER A 348 -4.21 5.22 2.59
CA SER A 348 -3.52 4.32 3.49
C SER A 348 -4.46 3.21 3.96
N THR A 349 -3.87 2.11 4.41
CA THR A 349 -4.67 0.99 4.91
C THR A 349 -5.55 1.40 6.08
N GLY A 350 -5.07 2.33 6.91
CA GLY A 350 -5.87 2.78 8.04
C GLY A 350 -7.13 3.51 7.61
N ASN A 351 -7.01 4.42 6.65
CA ASN A 351 -8.17 5.15 6.17
C ASN A 351 -9.16 4.22 5.45
N LEU A 352 -8.64 3.23 4.73
CA LEU A 352 -9.52 2.26 4.07
C LEU A 352 -10.30 1.46 5.10
N VAL A 353 -9.69 1.16 6.24
CA VAL A 353 -10.38 0.43 7.30
C VAL A 353 -11.49 1.29 7.90
N GLU A 354 -11.21 2.56 8.17
CA GLU A 354 -12.24 3.42 8.76
C GLU A 354 -13.39 3.64 7.79
N TRP A 355 -13.14 3.59 6.49
CA TRP A 355 -14.24 3.63 5.53
C TRP A 355 -15.08 2.36 5.62
N PHE A 356 -14.42 1.21 5.73
CA PHE A 356 -15.15 -0.06 5.86
C PHE A 356 -15.93 -0.12 7.17
N LEU A 357 -15.32 0.36 8.27
CA LEU A 357 -15.99 0.35 9.55
C LEU A 357 -17.17 1.33 9.58
N LEU A 358 -16.98 2.52 8.98
CA LEU A 358 -18.06 3.50 8.96
C LEU A 358 -19.26 2.99 8.17
N ARG A 359 -19.01 2.30 7.06
CA ARG A 359 -20.11 1.69 6.31
C ARG A 359 -20.76 0.58 7.12
N LYS A 360 -19.95 -0.25 7.78
CA LYS A 360 -20.51 -1.32 8.61
C LYS A 360 -21.22 -0.75 9.83
N ALA A 361 -20.66 0.31 10.44
CA ALA A 361 -21.31 0.91 11.60
C ALA A 361 -22.64 1.54 11.24
N TYR A 362 -22.81 1.97 9.98
CA TYR A 362 -24.08 2.54 9.57
C TYR A 362 -25.15 1.47 9.42
N GLU A 363 -24.77 0.30 8.91
CA GLU A 363 -25.72 -0.80 8.75
C GLU A 363 -26.22 -1.33 10.08
N ARG A 364 -25.51 -1.05 11.19
CA ARG A 364 -25.88 -1.58 12.49
C ARG A 364 -26.35 -0.49 13.45
N ASN A 365 -26.69 0.70 12.94
CA ASN A 365 -27.16 1.82 13.76
C ASN A 365 -26.16 2.15 14.87
N GLU A 366 -24.88 1.97 14.58
CA GLU A 366 -23.81 2.17 15.56
C GLU A 366 -23.21 3.55 15.35
N LEU A 367 -23.40 4.44 16.32
CA LEU A 367 -22.81 5.77 16.23
C LEU A 367 -21.29 5.68 16.24
N ALA A 368 -20.67 6.38 15.29
CA ALA A 368 -19.23 6.28 15.12
C ALA A 368 -18.51 7.17 16.14
N PRO A 369 -17.55 6.63 16.89
CA PRO A 369 -16.73 7.50 17.77
C PRO A 369 -15.90 8.46 16.94
N ASN A 370 -15.61 9.62 17.53
CA ASN A 370 -14.87 10.65 16.82
C ASN A 370 -13.37 10.34 16.81
N LYS A 371 -12.66 11.02 15.91
CA LYS A 371 -11.21 10.95 15.91
C LYS A 371 -10.69 11.49 17.25
N PRO A 372 -9.60 10.92 17.78
CA PRO A 372 -9.11 11.38 19.08
C PRO A 372 -8.56 12.80 19.00
N ASP A 373 -8.78 13.55 20.07
CA ASP A 373 -8.23 14.89 20.15
C ASP A 373 -6.73 14.82 20.48
N GLU A 374 -6.13 16.00 20.67
CA GLU A 374 -4.70 16.07 20.91
C GLU A 374 -4.33 15.46 22.26
N LYS A 375 -5.11 15.77 23.30
CA LYS A 375 -4.82 15.27 24.63
C LYS A 375 -5.12 13.78 24.74
N GLU A 376 -6.24 13.33 24.18
CA GLU A 376 -6.54 11.91 24.16
C GLU A 376 -5.45 11.13 23.43
N LEU A 377 -4.99 11.66 22.28
CA LEU A 377 -3.92 11.02 21.54
C LEU A 377 -2.64 10.90 22.37
N ALA A 378 -2.46 11.80 23.33
CA ALA A 378 -1.29 11.71 24.22
C ALA A 378 -1.45 10.55 25.19
N ARG A 379 -2.67 10.29 25.65
CA ARG A 379 -2.92 9.15 26.53
C ARG A 379 -2.89 7.82 25.78
N ARG A 380 -2.79 7.83 24.46
CA ARG A 380 -2.76 6.62 23.65
C ARG A 380 -1.35 6.26 23.19
N ARG A 381 -0.32 6.78 23.86
CA ARG A 381 1.06 6.55 23.46
C ARG A 381 1.73 5.44 24.28
N GLN A 382 0.95 4.55 24.89
CA GLN A 382 1.50 3.44 25.63
C GLN A 382 1.71 2.25 24.71
N LYS A 383 2.87 1.62 24.80
CA LYS A 383 3.23 0.50 23.95
C LYS A 383 2.74 -0.80 24.56
N TYR A 384 2.22 -1.70 23.72
CA TYR A 384 1.80 -3.01 24.16
C TYR A 384 2.65 -4.08 23.50
N GLU A 385 2.59 -5.29 24.05
CA GLU A 385 3.47 -6.37 23.62
C GLU A 385 2.96 -7.01 22.34
N GLY A 386 3.89 -7.36 21.45
CA GLY A 386 3.55 -7.99 20.19
C GLY A 386 3.51 -9.51 20.27
N GLY A 387 3.95 -10.18 19.19
CA GLY A 387 3.93 -11.62 19.16
C GLY A 387 5.23 -12.25 19.66
N TYR A 388 5.18 -13.56 19.87
CA TYR A 388 6.34 -14.28 20.36
C TYR A 388 7.38 -14.44 19.26
N VAL A 389 8.62 -14.08 19.56
CA VAL A 389 9.74 -14.20 18.64
C VAL A 389 10.80 -15.06 19.30
N LYS A 390 10.94 -16.29 18.83
CA LYS A 390 11.88 -17.24 19.39
C LYS A 390 13.26 -17.06 18.74
N GLU A 391 14.29 -16.97 19.58
CA GLU A 391 15.66 -16.97 19.08
C GLU A 391 15.92 -18.29 18.37
N PRO A 392 16.12 -18.29 17.06
CA PRO A 392 16.20 -19.56 16.32
C PRO A 392 17.47 -20.33 16.66
N GLU A 393 17.34 -21.66 16.64
CA GLU A 393 18.50 -22.55 16.75
C GLU A 393 19.36 -22.36 15.51
N ARG A 394 20.41 -21.58 15.64
CA ARG A 394 21.23 -21.20 14.50
C ARG A 394 21.86 -22.41 13.83
N GLY A 395 22.05 -22.32 12.53
CA GLY A 395 22.70 -23.36 11.75
C GLY A 395 21.80 -23.87 10.64
N LEU A 396 22.30 -24.89 9.95
CA LEU A 396 21.58 -25.53 8.86
C LEU A 396 20.82 -26.74 9.39
N TRP A 397 19.55 -26.85 9.03
CA TRP A 397 18.70 -27.94 9.45
C TRP A 397 18.13 -28.66 8.23
N GLU A 398 17.75 -29.92 8.42
CA GLU A 398 17.32 -30.79 7.34
C GLU A 398 15.96 -31.41 7.64
N ASN A 399 15.12 -31.49 6.61
CA ASN A 399 13.80 -32.12 6.70
C ASN A 399 12.95 -31.48 7.80
N ILE A 400 12.35 -30.33 7.50
CA ILE A 400 11.59 -29.56 8.47
C ILE A 400 10.21 -29.26 7.91
N VAL A 401 9.32 -28.79 8.78
CA VAL A 401 7.97 -28.38 8.38
C VAL A 401 7.65 -27.07 9.07
N TYR A 402 6.80 -26.27 8.42
CA TYR A 402 6.28 -25.03 8.99
C TYR A 402 4.77 -25.16 9.12
N LEU A 403 4.27 -25.02 10.34
CA LEU A 403 2.84 -25.07 10.63
C LEU A 403 2.40 -23.71 11.13
N ASP A 404 1.47 -23.08 10.42
CA ASP A 404 0.97 -21.77 10.81
C ASP A 404 -0.51 -21.84 11.14
N PHE A 405 -1.01 -20.77 11.74
CA PHE A 405 -2.43 -20.64 12.04
C PHE A 405 -3.17 -19.98 10.89
N ARG A 406 -4.42 -20.37 10.71
CA ARG A 406 -5.29 -19.76 9.71
C ARG A 406 -5.86 -18.47 10.29
N SER A 407 -5.25 -17.33 9.94
CA SER A 407 -5.69 -16.02 10.40
C SER A 407 -5.73 -15.96 11.92
N LEU A 408 -4.56 -15.79 12.55
CA LEU A 408 -4.47 -15.94 14.00
C LEU A 408 -5.31 -14.89 14.72
N TYR A 409 -5.06 -13.61 14.44
CA TYR A 409 -5.70 -12.54 15.20
C TYR A 409 -7.20 -12.42 14.89
N PRO A 410 -7.65 -12.48 13.63
CA PRO A 410 -9.10 -12.51 13.39
C PRO A 410 -9.80 -13.68 14.06
N SER A 411 -9.15 -14.85 14.12
CA SER A 411 -9.75 -15.98 14.81
C SER A 411 -9.84 -15.73 16.31
N ILE A 412 -8.83 -15.07 16.89
CA ILE A 412 -8.88 -14.74 18.31
C ILE A 412 -10.00 -13.75 18.58
N ILE A 413 -10.17 -12.76 17.70
CA ILE A 413 -11.23 -11.77 17.88
C ILE A 413 -12.60 -12.43 17.74
N ILE A 414 -12.74 -13.38 16.82
CA ILE A 414 -14.02 -14.03 16.60
C ILE A 414 -14.35 -14.99 17.74
N THR A 415 -13.38 -15.83 18.13
CA THR A 415 -13.64 -16.87 19.11
C THR A 415 -13.99 -16.27 20.48
N HIS A 416 -13.33 -15.19 20.86
CA HIS A 416 -13.47 -14.63 22.20
C HIS A 416 -14.26 -13.32 22.24
N ASN A 417 -14.90 -12.94 21.13
CA ASN A 417 -15.74 -11.75 21.08
C ASN A 417 -14.97 -10.50 21.50
N VAL A 418 -13.71 -10.41 21.05
CA VAL A 418 -12.86 -9.28 21.40
C VAL A 418 -13.36 -8.03 20.69
N SER A 419 -13.80 -7.04 21.47
CA SER A 419 -14.37 -5.83 20.90
C SER A 419 -14.47 -4.74 21.96
N PRO A 420 -14.33 -3.46 21.58
CA PRO A 420 -14.45 -2.38 22.58
C PRO A 420 -15.83 -2.28 23.20
N ASP A 421 -16.88 -2.78 22.55
CA ASP A 421 -18.21 -2.77 23.11
C ASP A 421 -18.49 -3.98 23.99
N THR A 422 -17.54 -4.89 24.14
CA THR A 422 -17.69 -6.05 25.01
C THR A 422 -16.72 -6.06 26.17
N LEU A 423 -15.79 -5.11 26.24
CA LEU A 423 -14.75 -5.11 27.25
C LEU A 423 -15.31 -4.66 28.59
N ASN A 424 -15.15 -5.49 29.61
CA ASN A 424 -15.51 -5.17 30.99
C ASN A 424 -16.95 -4.64 31.08
N ARG A 425 -17.87 -5.34 30.42
CA ARG A 425 -19.28 -4.98 30.43
C ARG A 425 -19.98 -5.66 31.60
N GLU A 426 -20.50 -4.86 32.53
CA GLU A 426 -21.12 -5.39 33.74
C GLU A 426 -22.48 -5.99 33.42
N GLY A 427 -22.76 -7.16 34.00
CA GLY A 427 -24.08 -7.74 33.96
C GLY A 427 -24.30 -8.86 32.96
N CYS A 428 -23.25 -9.40 32.36
CA CYS A 428 -23.42 -10.50 31.43
C CYS A 428 -23.29 -11.84 32.16
N GLY A 429 -23.54 -12.92 31.42
CA GLY A 429 -23.47 -14.25 31.98
C GLY A 429 -22.20 -15.00 31.63
N GLU A 430 -21.78 -14.91 30.36
CA GLU A 430 -20.61 -15.63 29.87
C GLU A 430 -19.48 -14.64 29.63
N TYR A 431 -18.37 -14.83 30.34
CA TYR A 431 -17.18 -13.99 30.20
C TYR A 431 -16.00 -14.85 29.77
N ASP A 432 -15.08 -14.23 29.03
CA ASP A 432 -13.81 -14.84 28.66
C ASP A 432 -12.70 -13.90 29.05
N VAL A 433 -11.73 -14.42 29.81
CA VAL A 433 -10.64 -13.60 30.36
C VAL A 433 -9.39 -13.84 29.53
N ALA A 434 -8.64 -12.76 29.26
CA ALA A 434 -7.42 -12.84 28.47
C ALA A 434 -6.21 -13.08 29.38
N PRO A 435 -5.23 -13.85 28.90
CA PRO A 435 -4.05 -14.11 29.73
C PRO A 435 -3.19 -12.88 29.90
N GLN A 436 -2.45 -12.86 31.02
CA GLN A 436 -1.49 -11.81 31.35
C GLN A 436 -2.15 -10.44 31.55
N VAL A 437 -2.96 -10.02 30.60
CA VAL A 437 -3.62 -8.71 30.71
C VAL A 437 -4.91 -8.77 31.52
N GLY A 438 -5.56 -9.92 31.59
CA GLY A 438 -6.71 -10.09 32.45
C GLY A 438 -7.96 -9.33 32.04
N HIS A 439 -8.03 -8.87 30.80
CA HIS A 439 -9.20 -8.15 30.33
C HIS A 439 -10.36 -9.12 30.09
N ARG A 440 -11.55 -8.71 30.52
CA ARG A 440 -12.76 -9.53 30.39
C ARG A 440 -13.63 -9.00 29.26
N PHE A 441 -14.25 -9.93 28.52
CA PHE A 441 -15.07 -9.58 27.37
C PHE A 441 -16.38 -10.35 27.45
N CYS A 442 -17.49 -9.61 27.50
CA CYS A 442 -18.81 -10.23 27.54
C CYS A 442 -19.09 -10.97 26.24
N LYS A 443 -19.86 -12.06 26.35
CA LYS A 443 -20.15 -12.92 25.21
C LYS A 443 -21.63 -13.21 25.01
N ASP A 444 -22.51 -12.61 25.83
CA ASP A 444 -23.94 -12.81 25.61
C ASP A 444 -24.38 -12.28 24.26
N LEU A 445 -23.72 -11.23 23.78
CA LEU A 445 -24.01 -10.61 22.51
C LEU A 445 -22.75 -10.55 21.64
N PRO A 446 -22.86 -10.82 20.34
CA PRO A 446 -21.69 -10.71 19.48
C PRO A 446 -21.24 -9.25 19.37
N GLY A 447 -19.95 -9.03 19.59
CA GLY A 447 -19.41 -7.69 19.51
C GLY A 447 -19.47 -7.12 18.10
N PHE A 448 -19.32 -5.80 18.01
CA PHE A 448 -19.39 -5.13 16.72
C PHE A 448 -18.29 -5.64 15.78
N ILE A 449 -17.05 -5.66 16.26
CA ILE A 449 -15.90 -6.06 15.44
C ILE A 449 -15.91 -7.56 15.16
N PRO A 450 -16.15 -8.44 16.14
CA PRO A 450 -16.20 -9.88 15.81
C PRO A 450 -17.29 -10.23 14.82
N SER A 451 -18.39 -9.47 14.80
CA SER A 451 -19.44 -9.71 13.80
C SER A 451 -18.93 -9.43 12.39
N LEU A 452 -18.17 -8.34 12.22
CA LEU A 452 -17.63 -8.00 10.91
C LEU A 452 -16.62 -9.03 10.45
N LEU A 453 -15.68 -9.41 11.34
CA LEU A 453 -14.67 -10.39 10.98
C LEU A 453 -15.31 -11.76 10.71
N GLY A 454 -16.33 -12.12 11.51
CA GLY A 454 -17.04 -13.35 11.24
C GLY A 454 -17.76 -13.32 9.91
N ASP A 455 -18.43 -12.21 9.60
CA ASP A 455 -19.09 -12.07 8.30
C ASP A 455 -18.09 -12.05 7.16
N LEU A 456 -16.94 -11.41 7.36
CA LEU A 456 -15.92 -11.33 6.31
C LEU A 456 -15.34 -12.71 6.01
N LEU A 457 -14.84 -13.40 7.05
CA LEU A 457 -14.18 -14.68 6.80
C LEU A 457 -15.17 -15.74 6.33
N GLU A 458 -16.45 -15.62 6.69
CA GLU A 458 -17.46 -16.50 6.15
C GLU A 458 -17.61 -16.28 4.64
N GLU A 459 -17.63 -15.02 4.21
CA GLU A 459 -17.69 -14.72 2.79
C GLU A 459 -16.45 -15.21 2.05
N ARG A 460 -15.27 -15.06 2.69
CA ARG A 460 -14.03 -15.49 2.05
C ARG A 460 -14.05 -16.98 1.74
N GLN A 461 -14.49 -17.80 2.70
CA GLN A 461 -14.58 -19.23 2.45
C GLN A 461 -15.62 -19.53 1.38
N LYS A 462 -16.73 -18.78 1.37
CA LYS A 462 -17.71 -18.94 0.31
C LYS A 462 -17.15 -18.54 -1.06
N ILE A 463 -16.27 -17.53 -1.09
CA ILE A 463 -15.65 -17.12 -2.35
C ILE A 463 -14.72 -18.22 -2.86
N LYS A 464 -13.93 -18.83 -1.96
CA LYS A 464 -12.98 -19.85 -2.37
C LYS A 464 -13.68 -21.06 -3.00
N LYS A 465 -14.85 -21.42 -2.50
CA LYS A 465 -15.62 -22.49 -3.14
C LYS A 465 -16.09 -22.07 -4.53
N LYS A 466 -16.65 -20.85 -4.62
CA LYS A 466 -17.06 -20.32 -5.92
C LYS A 466 -15.86 -20.15 -6.85
N MET A 467 -14.67 -19.95 -6.28
CA MET A 467 -13.47 -19.74 -7.09
C MET A 467 -13.04 -21.04 -7.76
N LYS A 468 -12.83 -22.10 -6.99
CA LYS A 468 -12.33 -23.35 -7.53
C LYS A 468 -13.31 -24.00 -8.52
N ALA A 469 -14.60 -23.68 -8.43
CA ALA A 469 -15.56 -24.20 -9.39
C ALA A 469 -15.69 -23.32 -10.63
N THR A 470 -15.19 -22.08 -10.57
CA THR A 470 -15.27 -21.18 -11.71
C THR A 470 -14.34 -21.67 -12.82
N ILE A 471 -14.87 -21.73 -14.04
CA ILE A 471 -14.12 -22.27 -15.18
C ILE A 471 -13.38 -21.17 -15.92
N ASP A 472 -14.01 -20.03 -16.12
CA ASP A 472 -13.38 -18.91 -16.83
C ASP A 472 -12.30 -18.30 -15.95
N PRO A 473 -11.06 -18.15 -16.46
CA PRO A 473 -9.99 -17.60 -15.61
C PRO A 473 -10.23 -16.15 -15.17
N ILE A 474 -11.15 -15.43 -15.81
CA ILE A 474 -11.39 -14.02 -15.49
C ILE A 474 -11.91 -13.89 -14.07
N GLU A 475 -13.16 -14.32 -13.84
CA GLU A 475 -13.75 -14.23 -12.51
C GLU A 475 -12.96 -15.03 -11.49
N ARG A 476 -12.37 -16.16 -11.92
CA ARG A 476 -11.51 -16.92 -11.02
C ARG A 476 -10.36 -16.06 -10.51
N LYS A 477 -9.77 -15.24 -11.39
CA LYS A 477 -8.75 -14.29 -10.96
C LYS A 477 -9.33 -13.19 -10.10
N LEU A 478 -10.56 -12.77 -10.39
CA LEU A 478 -11.20 -11.73 -9.59
C LEU A 478 -11.68 -12.28 -8.24
N LEU A 479 -12.27 -13.48 -8.25
CA LEU A 479 -12.64 -14.11 -6.99
C LEU A 479 -11.40 -14.36 -6.13
N ASP A 480 -10.28 -14.74 -6.77
CA ASP A 480 -9.04 -14.88 -6.03
C ASP A 480 -8.60 -13.53 -5.46
N TYR A 481 -8.77 -12.46 -6.24
CA TYR A 481 -8.44 -11.12 -5.74
C TYR A 481 -9.30 -10.78 -4.52
N ARG A 482 -10.61 -11.02 -4.61
CA ARG A 482 -11.50 -10.67 -3.51
C ARG A 482 -11.19 -11.50 -2.26
N GLN A 483 -11.08 -12.82 -2.42
CA GLN A 483 -10.78 -13.67 -1.26
C GLN A 483 -9.40 -13.37 -0.69
N ARG A 484 -8.47 -12.93 -1.52
CA ARG A 484 -7.21 -12.43 -0.98
C ARG A 484 -7.45 -11.19 -0.13
N LEU A 485 -7.93 -10.12 -0.74
CA LEU A 485 -8.09 -8.84 -0.05
C LEU A 485 -8.90 -8.96 1.25
N ILE A 486 -9.82 -9.92 1.32
CA ILE A 486 -10.60 -10.09 2.54
C ILE A 486 -9.71 -10.50 3.70
N LYS A 487 -8.72 -11.36 3.44
CA LYS A 487 -7.80 -11.77 4.49
C LYS A 487 -7.00 -10.59 5.01
N ILE A 488 -6.50 -9.73 4.13
CA ILE A 488 -5.73 -8.57 4.56
C ILE A 488 -6.63 -7.57 5.30
N LEU A 489 -7.86 -7.40 4.83
CA LEU A 489 -8.79 -6.47 5.47
C LEU A 489 -9.09 -6.89 6.90
N ALA A 490 -9.40 -8.17 7.11
CA ALA A 490 -9.71 -8.65 8.46
C ALA A 490 -8.51 -8.47 9.38
N ASN A 491 -7.30 -8.76 8.89
CA ASN A 491 -6.11 -8.57 9.70
C ASN A 491 -5.80 -7.09 9.92
N SER A 492 -6.24 -6.23 9.00
CA SER A 492 -6.01 -4.80 9.14
C SER A 492 -6.94 -4.16 10.16
N VAL A 493 -8.11 -4.77 10.38
CA VAL A 493 -9.03 -4.24 11.40
C VAL A 493 -8.42 -4.39 12.78
N TYR A 494 -7.66 -5.46 13.02
CA TYR A 494 -6.99 -5.61 14.31
C TYR A 494 -6.02 -4.46 14.56
N GLY A 495 -5.15 -4.18 13.59
CA GLY A 495 -4.20 -3.09 13.76
C GLY A 495 -4.88 -1.75 13.99
N HIS A 496 -6.06 -1.55 13.39
CA HIS A 496 -6.81 -0.33 13.64
C HIS A 496 -7.07 -0.15 15.13
N MET A 497 -7.41 -1.23 15.84
CA MET A 497 -7.71 -1.12 17.25
C MET A 497 -6.51 -0.62 18.06
N GLY A 498 -5.29 -0.85 17.57
CA GLY A 498 -4.11 -0.36 18.23
C GLY A 498 -3.56 0.94 17.71
N PHE A 499 -4.23 1.58 16.75
CA PHE A 499 -3.78 2.83 16.16
C PHE A 499 -4.24 4.00 17.00
N GLU A 500 -3.32 4.92 17.31
CA GLU A 500 -3.62 6.04 18.19
C GLU A 500 -4.74 6.90 17.63
N ASN A 501 -4.80 7.08 16.32
CA ASN A 501 -5.76 7.96 15.67
C ASN A 501 -6.97 7.21 15.15
N ALA A 502 -7.28 6.06 15.74
CA ALA A 502 -8.40 5.25 15.30
C ALA A 502 -9.68 5.67 16.02
N ARG A 503 -10.80 5.60 15.29
CA ARG A 503 -12.09 5.84 15.90
C ARG A 503 -12.46 4.73 16.87
N TRP A 504 -12.24 3.48 16.48
CA TRP A 504 -12.47 2.34 17.36
C TRP A 504 -11.15 1.84 17.95
N TYR A 505 -10.47 2.75 18.64
CA TYR A 505 -9.23 2.41 19.33
C TYR A 505 -9.55 1.70 20.63
N CYS A 506 -8.88 0.57 20.86
CA CYS A 506 -9.02 -0.17 22.11
C CYS A 506 -7.68 -0.82 22.40
N LYS A 507 -6.89 -0.20 23.29
CA LYS A 507 -5.61 -0.78 23.67
C LYS A 507 -5.81 -2.13 24.36
N GLU A 508 -6.83 -2.23 25.21
CA GLU A 508 -7.09 -3.49 25.91
C GLU A 508 -7.43 -4.60 24.93
N CYS A 509 -8.28 -4.30 23.93
CA CYS A 509 -8.60 -5.32 22.93
C CYS A 509 -7.37 -5.70 22.11
N ALA A 510 -6.45 -4.75 21.90
CA ALA A 510 -5.26 -5.03 21.10
C ALA A 510 -4.32 -5.98 21.82
N GLU A 511 -3.89 -5.60 23.03
CA GLU A 511 -2.93 -6.43 23.76
C GLU A 511 -3.52 -7.77 24.18
N SER A 512 -4.85 -7.82 24.36
CA SER A 512 -5.48 -9.11 24.68
C SER A 512 -5.36 -10.08 23.51
N VAL A 513 -5.46 -9.57 22.28
CA VAL A 513 -5.32 -10.44 21.11
C VAL A 513 -3.89 -10.94 20.99
N THR A 514 -2.90 -10.08 21.25
CA THR A 514 -1.51 -10.52 21.21
C THR A 514 -1.21 -11.46 22.37
N ALA A 515 -1.80 -11.21 23.54
CA ALA A 515 -1.59 -12.10 24.68
C ALA A 515 -2.17 -13.48 24.41
N TRP A 516 -3.34 -13.54 23.78
CA TRP A 516 -3.91 -14.83 23.40
C TRP A 516 -3.06 -15.53 22.35
N GLY A 517 -2.53 -14.77 21.39
CA GLY A 517 -1.69 -15.36 20.37
C GLY A 517 -0.41 -15.96 20.94
N ARG A 518 0.18 -15.28 21.93
CA ARG A 518 1.37 -15.82 22.58
C ARG A 518 1.04 -17.09 23.36
N GLU A 519 -0.13 -17.16 23.97
CA GLU A 519 -0.52 -18.35 24.71
C GLU A 519 -0.70 -19.54 23.79
N TYR A 520 -1.48 -19.36 22.71
CA TYR A 520 -1.75 -20.47 21.80
C TYR A 520 -0.51 -20.90 21.04
N LEU A 521 0.39 -19.97 20.73
CA LEU A 521 1.61 -20.33 20.02
C LEU A 521 2.57 -21.11 20.94
N THR A 522 2.83 -20.58 22.13
CA THR A 522 3.74 -21.24 23.05
C THR A 522 3.20 -22.57 23.55
N MET A 523 1.89 -22.79 23.46
CA MET A 523 1.32 -24.08 23.85
C MET A 523 1.57 -25.15 22.80
N THR A 524 1.47 -24.79 21.51
CA THR A 524 1.66 -25.77 20.45
C THR A 524 3.13 -26.17 20.32
N ILE A 525 4.04 -25.21 20.44
CA ILE A 525 5.46 -25.55 20.42
C ILE A 525 5.81 -26.40 21.63
N LYS A 526 5.06 -26.26 22.73
CA LYS A 526 5.26 -27.11 23.88
C LYS A 526 4.63 -28.48 23.66
N GLU A 527 3.47 -28.53 23.00
CA GLU A 527 2.82 -29.81 22.74
C GLU A 527 3.58 -30.60 21.68
N ILE A 528 4.07 -29.95 20.63
CA ILE A 528 4.76 -30.66 19.56
C ILE A 528 6.11 -31.18 20.02
N GLU A 529 6.69 -30.61 21.08
CA GLU A 529 7.99 -31.07 21.57
C GLU A 529 7.85 -32.14 22.64
N GLU A 530 6.89 -31.98 23.55
CA GLU A 530 6.78 -32.91 24.67
C GLU A 530 6.00 -34.16 24.29
N LYS A 531 5.00 -34.03 23.41
CA LYS A 531 4.18 -35.18 23.04
C LYS A 531 4.81 -35.98 21.90
N TYR A 532 5.20 -35.30 20.82
CA TYR A 532 5.67 -35.97 19.62
C TYR A 532 7.18 -35.93 19.43
N GLY A 533 7.90 -35.17 20.25
CA GLY A 533 9.35 -35.18 20.16
C GLY A 533 9.94 -34.33 19.06
N PHE A 534 9.23 -33.31 18.60
CA PHE A 534 9.78 -32.39 17.62
C PHE A 534 10.76 -31.43 18.29
N LYS A 535 11.45 -30.65 17.46
CA LYS A 535 12.36 -29.61 17.93
C LYS A 535 12.00 -28.32 17.20
N VAL A 536 11.34 -27.41 17.90
CA VAL A 536 10.97 -26.11 17.34
C VAL A 536 12.25 -25.32 17.12
N ILE A 537 12.59 -25.06 15.86
CA ILE A 537 13.83 -24.36 15.54
C ILE A 537 13.63 -22.85 15.61
N TYR A 538 12.57 -22.36 14.98
CA TYR A 538 12.32 -20.92 14.89
C TYR A 538 10.81 -20.70 14.88
N SER A 539 10.37 -19.65 15.56
CA SER A 539 8.95 -19.32 15.66
C SER A 539 8.78 -17.82 15.63
N ASP A 540 7.74 -17.36 14.93
CA ASP A 540 7.47 -15.92 14.84
C ASP A 540 5.96 -15.72 14.78
N THR A 541 5.38 -15.29 15.91
CA THR A 541 4.01 -14.82 16.00
C THR A 541 2.96 -15.90 15.76
N ASP A 542 2.91 -16.47 14.55
CA ASP A 542 1.80 -17.34 14.15
C ASP A 542 2.26 -18.63 13.49
N GLY A 543 3.49 -19.06 13.74
CA GLY A 543 3.96 -20.30 13.12
C GLY A 543 5.34 -20.64 13.64
N PHE A 544 5.80 -21.82 13.23
CA PHE A 544 7.12 -22.28 13.64
C PHE A 544 7.64 -23.33 12.67
N PHE A 545 8.96 -23.42 12.59
CA PHE A 545 9.64 -24.51 11.90
C PHE A 545 10.07 -25.56 12.91
N ALA A 546 9.87 -26.83 12.58
CA ALA A 546 10.16 -27.90 13.52
C ALA A 546 10.51 -29.17 12.76
N THR A 547 11.07 -30.12 13.49
CA THR A 547 11.44 -31.43 12.96
C THR A 547 11.80 -32.34 14.13
N ILE A 548 11.88 -33.63 13.87
CA ILE A 548 12.40 -34.59 14.84
C ILE A 548 13.87 -34.78 14.55
N PRO A 549 14.75 -34.60 15.54
CA PRO A 549 16.19 -34.66 15.26
C PRO A 549 16.62 -36.04 14.77
N GLY A 550 17.31 -36.07 13.64
CA GLY A 550 17.75 -37.33 13.06
C GLY A 550 16.62 -38.19 12.54
N ALA A 551 15.59 -37.58 11.97
CA ALA A 551 14.43 -38.31 11.47
C ALA A 551 14.41 -38.31 9.96
N ASP A 552 13.60 -39.20 9.42
CA ASP A 552 13.44 -39.41 8.00
C ASP A 552 12.38 -38.46 7.44
N ALA A 553 12.50 -38.13 6.15
CA ALA A 553 11.66 -37.10 5.55
C ALA A 553 10.19 -37.45 5.65
N GLU A 554 9.81 -38.68 5.26
CA GLU A 554 8.41 -39.07 5.36
C GLU A 554 7.98 -39.22 6.82
N THR A 555 8.91 -39.54 7.72
CA THR A 555 8.57 -39.65 9.14
C THR A 555 8.21 -38.29 9.72
N VAL A 556 8.85 -37.22 9.24
CA VAL A 556 8.49 -35.88 9.68
C VAL A 556 7.09 -35.52 9.18
N LYS A 557 6.85 -35.69 7.89
CA LYS A 557 5.54 -35.38 7.32
C LYS A 557 4.44 -36.29 7.88
N LYS A 558 4.82 -37.47 8.39
CA LYS A 558 3.83 -38.37 8.99
C LYS A 558 3.37 -37.84 10.34
N LYS A 559 4.29 -37.76 11.30
CA LYS A 559 3.92 -37.33 12.65
C LYS A 559 3.49 -35.86 12.71
N ALA A 560 3.84 -35.07 11.70
CA ALA A 560 3.38 -33.68 11.68
C ALA A 560 1.87 -33.61 11.49
N MET A 561 1.32 -34.43 10.59
CA MET A 561 -0.12 -34.43 10.39
C MET A 561 -0.84 -35.11 11.55
N GLU A 562 -0.18 -36.03 12.25
CA GLU A 562 -0.74 -36.58 13.48
C GLU A 562 -0.90 -35.48 14.53
N PHE A 563 0.14 -34.67 14.71
CA PHE A 563 0.07 -33.57 15.68
C PHE A 563 -0.99 -32.54 15.29
N LEU A 564 -1.24 -32.37 13.99
CA LEU A 564 -2.23 -31.42 13.54
C LEU A 564 -3.64 -31.84 13.97
N LYS A 565 -3.95 -33.14 13.85
CA LYS A 565 -5.26 -33.62 14.30
C LYS A 565 -5.39 -33.45 15.81
N TYR A 566 -4.34 -33.76 16.56
CA TYR A 566 -4.41 -33.67 18.01
C TYR A 566 -4.55 -32.22 18.48
N ILE A 567 -3.80 -31.30 17.87
CA ILE A 567 -3.84 -29.92 18.35
C ILE A 567 -5.10 -29.20 17.89
N ASN A 568 -5.65 -29.57 16.74
CA ASN A 568 -6.85 -28.89 16.25
C ASN A 568 -8.08 -29.28 17.06
N ALA A 569 -8.09 -30.47 17.65
CA ALA A 569 -9.19 -30.83 18.55
C ALA A 569 -9.08 -30.10 19.88
N LYS A 570 -7.86 -29.73 20.28
CA LYS A 570 -7.65 -28.98 21.51
C LYS A 570 -7.79 -27.48 21.32
N LEU A 571 -7.66 -26.99 20.08
CA LEU A 571 -7.81 -25.56 19.83
C LEU A 571 -9.29 -25.18 19.85
N PRO A 572 -9.63 -24.05 20.48
CA PRO A 572 -11.04 -23.69 20.63
C PRO A 572 -11.59 -22.96 19.41
N GLY A 573 -12.67 -23.48 18.86
CA GLY A 573 -13.46 -22.73 17.90
C GLY A 573 -12.73 -22.49 16.61
N ALA A 574 -12.61 -21.21 16.23
CA ALA A 574 -12.09 -20.83 14.93
C ALA A 574 -10.58 -21.00 14.79
N LEU A 575 -9.86 -21.18 15.90
CA LEU A 575 -8.42 -21.37 15.82
C LEU A 575 -8.09 -22.70 15.17
N GLU A 576 -7.08 -22.69 14.31
CA GLU A 576 -6.76 -23.87 13.52
C GLU A 576 -5.31 -23.80 13.07
N LEU A 577 -4.50 -24.78 13.45
CA LEU A 577 -3.15 -24.94 12.92
C LEU A 577 -3.22 -25.77 11.65
N GLU A 578 -2.38 -25.44 10.68
CA GLU A 578 -2.46 -26.09 9.38
C GLU A 578 -1.07 -26.33 8.81
N TYR A 579 -0.99 -27.30 7.90
CA TYR A 579 0.25 -27.68 7.26
C TYR A 579 0.52 -26.77 6.07
N GLU A 580 1.60 -25.99 6.14
CA GLU A 580 1.92 -25.04 5.07
C GLU A 580 2.78 -25.68 3.98
N GLY A 581 3.87 -26.31 4.35
CA GLY A 581 4.74 -26.93 3.37
C GLY A 581 5.91 -27.63 4.03
N PHE A 582 6.55 -28.49 3.25
CA PHE A 582 7.74 -29.23 3.65
C PHE A 582 8.93 -28.70 2.87
N TYR A 583 10.09 -28.65 3.52
CA TYR A 583 11.32 -28.20 2.87
C TYR A 583 12.45 -29.13 3.26
N LYS A 584 13.32 -29.44 2.29
CA LYS A 584 14.43 -30.36 2.55
C LYS A 584 15.39 -29.76 3.57
N ARG A 585 15.96 -28.60 3.26
CA ARG A 585 16.91 -27.94 4.15
C ARG A 585 16.45 -26.51 4.43
N GLY A 586 17.10 -25.89 5.40
CA GLY A 586 16.82 -24.52 5.76
C GLY A 586 17.84 -23.94 6.71
N PHE A 587 18.42 -22.80 6.35
CA PHE A 587 19.42 -22.13 7.18
C PHE A 587 18.75 -20.99 7.94
N PHE A 588 19.05 -20.89 9.23
CA PHE A 588 18.47 -19.88 10.11
C PHE A 588 19.59 -19.06 10.73
N VAL A 589 19.68 -17.79 10.35
CA VAL A 589 20.77 -16.92 10.78
C VAL A 589 20.43 -16.23 12.09
N THR A 590 19.23 -15.67 12.21
CA THR A 590 18.79 -14.99 13.42
C THR A 590 17.29 -14.74 13.30
N LYS A 591 16.77 -13.89 14.19
CA LYS A 591 15.36 -13.55 14.17
C LYS A 591 14.99 -12.84 12.87
N LYS A 592 13.93 -13.33 12.21
CA LYS A 592 13.42 -12.75 10.97
C LYS A 592 14.48 -12.73 9.87
N LYS A 593 15.36 -13.73 9.88
CA LYS A 593 16.40 -13.85 8.85
C LYS A 593 16.69 -15.35 8.68
N TYR A 594 16.19 -15.93 7.60
CA TYR A 594 16.35 -17.35 7.35
C TYR A 594 16.10 -17.60 5.86
N ALA A 595 16.25 -18.86 5.45
CA ALA A 595 16.00 -19.25 4.07
C ALA A 595 15.81 -20.75 4.01
N VAL A 596 14.77 -21.19 3.30
CA VAL A 596 14.44 -22.60 3.17
C VAL A 596 14.33 -22.94 1.69
N ILE A 597 14.35 -24.24 1.40
CA ILE A 597 14.19 -24.77 0.04
C ILE A 597 13.32 -26.01 0.10
N ASP A 598 12.28 -26.05 -0.72
CA ASP A 598 11.37 -27.18 -0.73
C ASP A 598 11.96 -28.35 -1.52
N GLU A 599 11.18 -29.42 -1.62
CA GLU A 599 11.59 -30.60 -2.40
C GLU A 599 11.62 -30.33 -3.90
N GLU A 600 11.12 -29.17 -4.35
CA GLU A 600 11.07 -28.84 -5.76
C GLU A 600 12.29 -28.06 -6.23
N GLY A 601 13.01 -27.40 -5.32
CA GLY A 601 14.18 -26.61 -5.65
C GLY A 601 14.01 -25.13 -5.40
N LYS A 602 12.78 -24.66 -5.23
CA LYS A 602 12.54 -23.25 -4.99
C LYS A 602 13.07 -22.85 -3.61
N ILE A 603 13.85 -21.77 -3.57
CA ILE A 603 14.39 -21.24 -2.32
C ILE A 603 13.60 -19.99 -1.96
N THR A 604 13.16 -19.93 -0.70
CA THR A 604 12.45 -18.76 -0.16
C THR A 604 13.32 -18.11 0.90
N THR A 605 13.76 -16.88 0.63
CA THR A 605 14.59 -16.12 1.55
C THR A 605 13.73 -15.10 2.28
N ARG A 606 14.04 -14.89 3.56
CA ARG A 606 13.28 -13.98 4.42
C ARG A 606 14.26 -13.14 5.23
N GLY A 607 14.20 -11.82 5.05
CA GLY A 607 14.95 -10.90 5.86
C GLY A 607 16.43 -10.78 5.56
N LEU A 608 17.01 -11.74 4.85
CA LEU A 608 18.43 -11.69 4.54
C LEU A 608 18.73 -10.50 3.63
N GLU A 609 20.04 -10.24 3.45
CA GLU A 609 20.46 -9.12 2.62
C GLU A 609 19.98 -9.24 1.18
N ILE A 610 19.62 -10.45 0.73
CA ILE A 610 19.14 -10.65 -0.63
C ILE A 610 17.90 -9.81 -0.90
N VAL A 611 17.00 -9.71 0.09
CA VAL A 611 15.73 -9.03 -0.12
C VAL A 611 15.76 -7.56 0.24
N ARG A 612 16.93 -7.02 0.60
CA ARG A 612 17.04 -5.64 1.03
C ARG A 612 17.51 -4.75 -0.11
N ARG A 613 16.97 -3.53 -0.16
CA ARG A 613 17.33 -2.58 -1.21
C ARG A 613 18.55 -1.75 -0.88
N ASP A 614 18.88 -1.58 0.41
CA ASP A 614 20.02 -0.78 0.83
C ASP A 614 21.33 -1.56 0.80
N TRP A 615 21.39 -2.64 0.03
CA TRP A 615 22.60 -3.44 -0.12
C TRP A 615 22.98 -3.54 -1.59
N SER A 616 24.28 -3.60 -1.84
CA SER A 616 24.77 -3.64 -3.21
C SER A 616 24.37 -4.95 -3.89
N GLU A 617 24.18 -4.87 -5.21
CA GLU A 617 23.80 -6.04 -5.99
C GLU A 617 24.88 -7.12 -5.91
N ILE A 618 26.15 -6.72 -5.87
CA ILE A 618 27.24 -7.68 -5.82
C ILE A 618 27.18 -8.49 -4.53
N ALA A 619 26.79 -7.85 -3.42
CA ALA A 619 26.67 -8.56 -2.15
C ALA A 619 25.42 -9.44 -2.13
N LYS A 620 24.32 -8.97 -2.71
CA LYS A 620 23.10 -9.77 -2.74
C LYS A 620 23.23 -10.94 -3.72
N GLU A 621 23.93 -10.73 -4.84
CA GLU A 621 24.14 -11.81 -5.79
C GLU A 621 25.04 -12.89 -5.20
N THR A 622 26.10 -12.49 -4.49
CA THR A 622 27.02 -13.46 -3.92
C THR A 622 26.35 -14.28 -2.83
N GLN A 623 25.57 -13.63 -1.96
CA GLN A 623 24.87 -14.35 -0.89
C GLN A 623 23.87 -15.34 -1.46
N ALA A 624 23.28 -15.03 -2.62
CA ALA A 624 22.36 -15.96 -3.26
C ALA A 624 23.08 -17.17 -3.82
N ARG A 625 24.22 -16.95 -4.48
CA ARG A 625 24.99 -18.07 -5.00
C ARG A 625 25.54 -18.94 -3.88
N VAL A 626 25.83 -18.35 -2.72
CA VAL A 626 26.28 -19.13 -1.58
C VAL A 626 25.14 -19.99 -1.04
N LEU A 627 23.95 -19.41 -0.92
CA LEU A 627 22.81 -20.17 -0.41
C LEU A 627 22.41 -21.28 -1.36
N GLU A 628 22.52 -21.04 -2.67
CA GLU A 628 22.17 -22.09 -3.64
C GLU A 628 23.11 -23.28 -3.52
N ALA A 629 24.39 -23.05 -3.20
CA ALA A 629 25.33 -24.15 -3.09
C ALA A 629 25.10 -24.96 -1.83
N LEU A 630 24.55 -24.36 -0.79
CA LEU A 630 24.33 -25.04 0.48
C LEU A 630 22.95 -25.69 0.54
N LEU A 631 21.90 -24.90 0.31
CA LEU A 631 20.54 -25.42 0.43
C LEU A 631 20.24 -26.49 -0.59
N LYS A 632 20.83 -26.42 -1.77
CA LYS A 632 20.53 -27.37 -2.84
C LYS A 632 21.49 -28.55 -2.86
N ASP A 633 22.79 -28.31 -2.64
CA ASP A 633 23.77 -29.39 -2.68
C ASP A 633 24.53 -29.60 -1.39
N GLY A 634 24.57 -28.62 -0.49
CA GLY A 634 25.39 -28.75 0.69
C GLY A 634 26.88 -28.71 0.43
N ASP A 635 27.28 -28.20 -0.74
CA ASP A 635 28.69 -28.13 -1.12
C ASP A 635 29.27 -26.84 -0.56
N VAL A 636 29.70 -26.90 0.71
CA VAL A 636 30.33 -25.75 1.34
C VAL A 636 31.61 -25.39 0.60
N GLU A 637 32.28 -26.38 -0.01
CA GLU A 637 33.45 -26.09 -0.81
C GLU A 637 33.10 -25.22 -2.00
N LYS A 638 31.94 -25.46 -2.62
CA LYS A 638 31.49 -24.61 -3.71
C LYS A 638 31.17 -23.20 -3.23
N ALA A 639 30.63 -23.09 -2.01
CA ALA A 639 30.28 -21.77 -1.47
C ALA A 639 31.52 -20.95 -1.16
N VAL A 640 32.52 -21.57 -0.51
CA VAL A 640 33.74 -20.84 -0.18
C VAL A 640 34.52 -20.51 -1.45
N ARG A 641 34.42 -21.34 -2.49
CA ARG A 641 35.01 -21.00 -3.78
C ARG A 641 34.33 -19.78 -4.38
N ILE A 642 33.00 -19.73 -4.30
CA ILE A 642 32.24 -18.61 -4.86
C ILE A 642 32.69 -17.29 -4.23
N VAL A 643 32.81 -17.28 -2.89
CA VAL A 643 33.16 -16.05 -2.18
C VAL A 643 34.57 -15.60 -2.58
N LYS A 644 35.52 -16.53 -2.62
CA LYS A 644 36.89 -16.16 -2.94
C LYS A 644 37.04 -15.72 -4.39
N GLU A 645 36.23 -16.26 -5.30
CA GLU A 645 36.24 -15.79 -6.68
C GLU A 645 35.74 -14.36 -6.79
N VAL A 646 34.66 -14.05 -6.07
CA VAL A 646 34.07 -12.71 -6.15
C VAL A 646 35.01 -11.67 -5.56
N THR A 647 35.58 -11.97 -4.39
CA THR A 647 36.48 -11.01 -3.74
C THR A 647 37.71 -10.73 -4.59
N GLU A 648 38.23 -11.76 -5.27
CA GLU A 648 39.38 -11.55 -6.15
C GLU A 648 39.00 -10.70 -7.35
N LYS A 649 37.81 -10.96 -7.93
CA LYS A 649 37.33 -10.12 -9.02
C LYS A 649 37.09 -8.69 -8.56
N LEU A 650 36.61 -8.51 -7.33
CA LEU A 650 36.47 -7.17 -6.77
C LEU A 650 37.82 -6.52 -6.56
N SER A 651 38.80 -7.29 -6.06
CA SER A 651 40.12 -6.73 -5.77
C SER A 651 40.80 -6.25 -7.04
N LYS A 652 40.54 -6.89 -8.18
CA LYS A 652 41.13 -6.49 -9.44
C LYS A 652 40.26 -5.49 -10.21
N TYR A 653 39.22 -4.95 -9.57
CA TYR A 653 38.37 -3.92 -10.17
C TYR A 653 37.72 -4.39 -11.47
N GLU A 654 37.32 -5.67 -11.50
CA GLU A 654 36.77 -6.28 -12.71
C GLU A 654 35.27 -6.51 -12.62
N VAL A 655 34.62 -5.99 -11.59
CA VAL A 655 33.18 -6.18 -11.39
C VAL A 655 32.46 -4.92 -11.86
N PRO A 656 31.37 -5.04 -12.63
CA PRO A 656 30.67 -3.85 -13.13
C PRO A 656 30.24 -2.94 -12.00
N PRO A 657 30.44 -1.63 -12.16
CA PRO A 657 30.02 -0.69 -11.10
C PRO A 657 28.52 -0.65 -10.88
N GLU A 658 27.72 -1.14 -11.83
CA GLU A 658 26.27 -1.18 -11.64
C GLU A 658 25.89 -2.08 -10.48
N LYS A 659 26.64 -3.17 -10.27
CA LYS A 659 26.37 -4.08 -9.16
C LYS A 659 26.78 -3.52 -7.81
N LEU A 660 27.41 -2.34 -7.77
CA LEU A 660 27.93 -1.77 -6.54
C LEU A 660 27.13 -0.57 -6.05
N VAL A 661 25.93 -0.38 -6.57
CA VAL A 661 25.09 0.76 -6.22
C VAL A 661 24.30 0.45 -4.96
N ILE A 662 24.24 1.41 -4.04
CA ILE A 662 23.46 1.29 -2.81
C ILE A 662 22.29 2.26 -2.89
N HIS A 663 21.10 1.74 -2.60
CA HIS A 663 19.85 2.52 -2.72
C HIS A 663 19.28 2.73 -1.32
N LYS A 664 19.32 3.98 -0.85
CA LYS A 664 18.73 4.35 0.43
C LYS A 664 17.77 5.52 0.24
N GLN A 665 16.64 5.47 0.94
CA GLN A 665 15.57 6.43 0.77
C GLN A 665 15.66 7.55 1.79
N ILE A 666 15.31 8.77 1.35
CA ILE A 666 15.17 9.92 2.25
C ILE A 666 13.73 9.95 2.76
N THR A 667 13.56 10.17 4.06
CA THR A 667 12.25 10.13 4.68
C THR A 667 11.77 11.49 5.17
N ARG A 668 12.64 12.49 5.25
CA ARG A 668 12.30 13.77 5.84
C ARG A 668 13.04 14.87 5.09
N ASP A 669 12.74 16.12 5.46
CA ASP A 669 13.53 17.23 4.93
C ASP A 669 14.97 17.12 5.44
N LEU A 670 15.91 17.55 4.59
CA LEU A 670 17.32 17.43 4.95
C LEU A 670 17.66 18.21 6.22
N LYS A 671 16.81 19.16 6.61
CA LYS A 671 17.05 19.90 7.84
C LYS A 671 16.63 19.09 9.07
N ASP A 672 15.66 18.18 8.92
CA ASP A 672 15.21 17.37 10.06
C ASP A 672 16.25 16.35 10.48
N TYR A 673 17.07 15.89 9.54
CA TYR A 673 18.05 14.85 9.84
C TYR A 673 19.03 15.32 10.91
N LYS A 674 19.02 14.64 12.06
CA LYS A 674 19.98 14.94 13.12
C LYS A 674 21.27 14.13 12.99
N ALA A 675 21.25 13.05 12.21
CA ALA A 675 22.45 12.26 11.92
C ALA A 675 22.58 12.12 10.42
N THR A 676 23.67 12.67 9.88
CA THR A 676 23.90 12.68 8.43
C THR A 676 24.71 11.44 8.04
N GLY A 677 24.03 10.44 7.52
CA GLY A 677 24.70 9.24 7.04
C GLY A 677 25.21 9.42 5.63
N PRO A 678 25.65 8.31 5.02
CA PRO A 678 26.15 8.41 3.63
C PRO A 678 25.10 8.93 2.66
N HIS A 679 23.90 8.34 2.63
CA HIS A 679 22.89 8.76 1.67
C HIS A 679 22.35 10.15 1.96
N VAL A 680 22.45 10.62 3.21
CA VAL A 680 22.09 12.00 3.50
C VAL A 680 23.24 12.95 3.12
N ALA A 681 24.49 12.51 3.29
CA ALA A 681 25.63 13.37 2.94
C ALA A 681 25.64 13.67 1.44
N VAL A 682 25.34 12.67 0.60
CA VAL A 682 25.33 12.91 -0.83
C VAL A 682 24.11 13.72 -1.24
N ALA A 683 23.03 13.65 -0.46
CA ALA A 683 21.82 14.41 -0.81
C ALA A 683 21.99 15.88 -0.49
N LYS A 684 22.66 16.21 0.61
CA LYS A 684 22.92 17.60 0.95
C LYS A 684 23.82 18.26 -0.08
N ARG A 685 24.87 17.57 -0.51
CA ARG A 685 25.73 18.09 -1.56
C ARG A 685 24.96 18.27 -2.86
N LEU A 686 24.02 17.36 -3.15
CA LEU A 686 23.20 17.49 -4.34
C LEU A 686 22.31 18.72 -4.27
N ALA A 687 21.65 18.93 -3.12
CA ALA A 687 20.79 20.08 -2.96
C ALA A 687 21.55 21.39 -3.13
N ALA A 688 22.82 21.41 -2.70
CA ALA A 688 23.66 22.58 -2.93
C ALA A 688 23.89 22.79 -4.43
N ARG A 689 23.99 21.70 -5.19
CA ARG A 689 24.11 21.84 -6.64
C ARG A 689 22.84 22.38 -7.27
N GLY A 690 21.69 22.13 -6.64
CA GLY A 690 20.44 22.70 -7.11
C GLY A 690 19.27 21.74 -7.19
N VAL A 691 19.54 20.44 -7.21
CA VAL A 691 18.49 19.45 -7.40
C VAL A 691 17.64 19.35 -6.13
N LYS A 692 16.34 19.12 -6.33
CA LYS A 692 15.39 19.02 -5.24
C LYS A 692 15.41 17.61 -4.65
N ILE A 693 15.61 17.51 -3.34
CA ILE A 693 15.51 16.24 -2.62
C ILE A 693 14.24 16.29 -1.81
N ARG A 694 13.28 15.44 -2.17
CA ARG A 694 11.97 15.35 -1.58
C ARG A 694 11.86 14.11 -0.69
N PRO A 695 11.13 14.20 0.43
CA PRO A 695 10.85 12.98 1.22
C PRO A 695 10.29 11.86 0.36
N GLY A 696 11.02 10.75 0.30
CA GLY A 696 10.68 9.63 -0.56
C GLY A 696 11.63 9.42 -1.72
N THR A 697 12.59 10.33 -1.91
CA THR A 697 13.54 10.19 -3.00
C THR A 697 14.48 9.01 -2.74
N VAL A 698 14.77 8.25 -3.79
CA VAL A 698 15.67 7.11 -3.70
C VAL A 698 17.03 7.54 -4.22
N ILE A 699 18.05 7.42 -3.37
CA ILE A 699 19.40 7.84 -3.68
C ILE A 699 20.22 6.62 -4.06
N SER A 700 20.97 6.73 -5.15
CA SER A 700 21.78 5.63 -5.68
C SER A 700 23.23 6.10 -5.75
N TYR A 701 24.01 5.80 -4.70
CA TYR A 701 25.39 6.23 -4.64
C TYR A 701 26.35 5.04 -4.74
N ILE A 702 27.62 5.36 -4.97
CA ILE A 702 28.68 4.36 -5.06
C ILE A 702 29.88 4.89 -4.31
N VAL A 703 30.57 4.00 -3.60
CA VAL A 703 31.71 4.37 -2.76
C VAL A 703 32.98 4.31 -3.59
N LEU A 704 33.74 5.40 -3.59
CA LEU A 704 34.98 5.50 -4.36
C LEU A 704 36.18 5.17 -3.49
N LYS A 705 37.30 4.88 -4.16
CA LYS A 705 38.52 4.54 -3.45
C LYS A 705 39.05 5.73 -2.68
N GLY A 706 39.40 5.52 -1.42
CA GLY A 706 39.90 6.59 -0.59
C GLY A 706 39.90 6.18 0.88
N SER A 707 39.92 7.18 1.75
CA SER A 707 39.94 6.96 3.19
C SER A 707 39.01 7.94 3.88
N GLY A 708 38.65 7.62 5.11
CA GLY A 708 37.81 8.47 5.92
C GLY A 708 36.35 8.05 5.93
N ARG A 709 35.50 9.02 6.23
CA ARG A 709 34.06 8.77 6.26
C ARG A 709 33.56 8.35 4.88
N ILE A 710 32.57 7.45 4.88
CA ILE A 710 32.04 6.96 3.60
C ILE A 710 31.30 8.07 2.87
N GLY A 711 30.61 8.95 3.61
CA GLY A 711 29.87 10.02 2.98
C GLY A 711 30.76 10.99 2.21
N ASP A 712 32.01 11.14 2.63
CA ASP A 712 32.95 12.01 1.95
C ASP A 712 33.57 11.37 0.71
N ARG A 713 33.22 10.12 0.41
CA ARG A 713 33.74 9.44 -0.76
C ARG A 713 32.64 8.85 -1.64
N ALA A 714 31.37 9.07 -1.31
CA ALA A 714 30.25 8.52 -2.06
C ALA A 714 29.70 9.58 -3.00
N ILE A 715 29.69 9.27 -4.29
CA ILE A 715 29.09 10.15 -5.30
C ILE A 715 27.82 9.47 -5.81
N PRO A 716 26.85 10.23 -6.31
CA PRO A 716 25.71 9.60 -6.99
C PRO A 716 26.19 8.81 -8.19
N PHE A 717 25.51 7.69 -8.46
CA PHE A 717 25.91 6.85 -9.58
C PHE A 717 25.74 7.55 -10.92
N ASP A 718 25.02 8.67 -10.96
CA ASP A 718 24.95 9.48 -12.17
C ASP A 718 26.32 9.99 -12.58
N GLU A 719 27.21 10.23 -11.61
CA GLU A 719 28.47 10.91 -11.84
C GLU A 719 29.66 9.98 -11.85
N PHE A 720 29.44 8.68 -12.02
CA PHE A 720 30.54 7.72 -12.01
C PHE A 720 31.04 7.51 -13.43
N ASP A 721 32.32 7.81 -13.66
CA ASP A 721 32.98 7.60 -14.94
C ASP A 721 34.10 6.60 -14.75
N PRO A 722 34.06 5.43 -15.40
CA PRO A 722 35.13 4.44 -15.20
C PRO A 722 36.51 4.95 -15.59
N THR A 723 36.60 5.85 -16.57
CA THR A 723 37.89 6.42 -16.96
C THR A 723 38.41 7.40 -15.92
N LYS A 724 37.54 7.94 -15.07
CA LYS A 724 37.92 8.97 -14.11
C LYS A 724 37.75 8.55 -12.66
N HIS A 725 37.03 7.48 -12.38
CA HIS A 725 36.70 7.10 -11.02
C HIS A 725 37.02 5.63 -10.77
N ARG A 726 37.42 5.33 -9.54
CA ARG A 726 37.74 3.97 -9.13
C ARG A 726 37.07 3.73 -7.78
N TYR A 727 36.18 2.74 -7.72
CA TYR A 727 35.46 2.48 -6.48
C TYR A 727 36.38 1.85 -5.44
N ASP A 728 35.94 1.90 -4.19
CA ASP A 728 36.70 1.34 -3.07
C ASP A 728 36.43 -0.16 -3.01
N ALA A 729 37.26 -0.93 -3.73
CA ALA A 729 37.14 -2.38 -3.68
C ALA A 729 37.40 -2.91 -2.29
N GLU A 730 38.22 -2.21 -1.50
CA GLU A 730 38.42 -2.58 -0.11
C GLU A 730 37.12 -2.49 0.68
N TYR A 731 36.30 -1.46 0.39
CA TYR A 731 35.04 -1.30 1.11
C TYR A 731 34.05 -2.41 0.76
N TYR A 732 33.81 -2.61 -0.54
CA TYR A 732 32.80 -3.59 -0.95
C TYR A 732 33.19 -5.02 -0.60
N ILE A 733 34.49 -5.30 -0.44
CA ILE A 733 34.91 -6.63 -0.03
C ILE A 733 34.66 -6.85 1.46
N GLU A 734 35.12 -5.92 2.29
CA GLU A 734 35.15 -6.11 3.73
C GLU A 734 33.93 -5.53 4.44
N LYS A 735 33.15 -4.67 3.79
CA LYS A 735 31.99 -4.05 4.42
C LYS A 735 30.66 -4.46 3.79
N GLN A 736 30.67 -5.24 2.72
CA GLN A 736 29.43 -5.62 2.05
C GLN A 736 29.40 -7.13 1.77
N VAL A 737 30.35 -7.61 0.96
CA VAL A 737 30.32 -9.01 0.53
C VAL A 737 30.69 -9.93 1.69
N LEU A 738 31.85 -9.70 2.31
CA LEU A 738 32.28 -10.57 3.41
C LEU A 738 31.32 -10.54 4.60
N PRO A 739 30.88 -9.38 5.11
CA PRO A 739 29.95 -9.42 6.25
C PRO A 739 28.66 -10.15 5.94
N ALA A 740 28.16 -10.07 4.70
CA ALA A 740 26.88 -10.71 4.39
C ALA A 740 27.00 -12.22 4.35
N VAL A 741 28.06 -12.74 3.72
CA VAL A 741 28.21 -14.19 3.57
C VAL A 741 28.80 -14.86 4.80
N GLU A 742 29.53 -14.11 5.63
CA GLU A 742 30.18 -14.71 6.79
C GLU A 742 29.17 -15.10 7.86
N ARG A 743 28.03 -14.42 7.92
CA ARG A 743 27.01 -14.79 8.90
C ARG A 743 26.51 -16.21 8.68
N ILE A 744 26.56 -16.69 7.44
CA ILE A 744 26.13 -18.05 7.14
C ILE A 744 27.29 -19.04 7.27
N LEU A 745 28.42 -18.72 6.66
CA LEU A 745 29.56 -19.63 6.65
C LEU A 745 30.27 -19.73 7.99
N ARG A 746 29.87 -18.90 8.98
CA ARG A 746 30.44 -19.04 10.31
C ARG A 746 29.95 -20.29 11.02
N ALA A 747 28.87 -20.89 10.53
CA ALA A 747 28.35 -22.13 11.12
C ALA A 747 29.23 -23.32 10.81
N PHE A 748 30.17 -23.20 9.88
CA PHE A 748 31.05 -24.29 9.48
C PHE A 748 32.51 -24.05 9.87
N GLY A 749 32.75 -23.15 10.83
CA GLY A 749 34.09 -22.80 11.25
C GLY A 749 34.83 -21.87 10.31
N TYR A 750 34.28 -21.60 9.12
CA TYR A 750 34.93 -20.71 8.17
C TYR A 750 34.87 -19.27 8.68
N ARG A 751 36.04 -18.64 8.80
CA ARG A 751 36.13 -17.23 9.14
C ARG A 751 36.41 -16.42 7.87
N LYS A 752 36.16 -15.11 7.96
CA LYS A 752 36.37 -14.24 6.81
C LYS A 752 37.79 -14.33 6.28
N GLU A 753 38.75 -14.55 7.17
CA GLU A 753 40.14 -14.71 6.77
C GLU A 753 40.32 -15.92 5.87
N ASP A 754 39.54 -16.98 6.12
CA ASP A 754 39.54 -18.17 5.28
C ASP A 754 38.70 -18.01 4.02
N LEU A 755 38.04 -16.87 3.85
CA LEU A 755 37.18 -16.61 2.71
C LEU A 755 37.81 -15.67 1.69
N ARG A 756 39.13 -15.51 1.74
CA ARG A 756 39.83 -14.65 0.79
C ARG A 756 40.94 -15.42 0.07
#